data_3A70
#
_entry.id   3A70
#
_cell.length_a   104.297
_cell.length_b   104.297
_cell.length_c   496.182
_cell.angle_alpha   90.00
_cell.angle_beta   90.00
_cell.angle_gamma   120.00
#
_symmetry.space_group_name_H-M   'P 65 2 2'
#
loop_
_entity.id
_entity.type
_entity.pdbx_description
1 polymer Lipase
2 non-polymer 'CALCIUM ION'
3 non-polymer 'DIETHYL PHOSPHONATE'
4 non-polymer P-NITROPHENOL
5 non-polymer 'ACETATE ION'
6 water water
#
_entity_poly.entity_id   1
_entity_poly.type   'polypeptide(L)'
_entity_poly.pdbx_seq_one_letter_code
;MGVYDYKNFGTADSKALFSDAMAITLYSYHNLDNGFAAGYQHNGFGLGLPATLVTALLGGTDSQGVIPGIPWNPDSEKLA
LDAVKKAGWTPITASQLGYDGKTDARGTFFGEKAGYTTAQVEILGKYDAQGHLTEIGIAFRGTSGPRENLILDSIGDVIN
DLLAAFGPKDYAKNYVGEAFGNLLNDVVAFAKANGLSGKDVLVSGHSLGGLAVNSMADLSGGKWGGFFADSNYIAYASPT
QSSTDKVLNVGYENDPVFRALDGSTFTGASVGVHDAPKESATDNIVSFNDHYASTAWNLLPFSILNIPTWISHLPTAYGD
GMNRIIESKFYDLTSKDSTIIVANLSDPARANTWVQDLNRNAETHKGSTFIIGSDSNDLIQGGSGNDYLEGRAGNDTFRD
GGGYNVILGGAGNNTLDLQKSVNTFDFANDGAGNLYVRDANGGISITRDIGSIVTKEPGFLWGLFKDDVTHSVTASGLKV
GSNVTQYDASVKGTNGADTLKAHAGGDWLFGLDGNDHLIGGVGNDVFVGGAGNDLMESGGGADTFLFNGAFGQDRVVGFT
SNDKLVFLGVQGVLPNDDFRAHASMVGQDTVLKFGGDSVTLVGVALNSLSADGIVIA
;
_entity_poly.pdbx_strand_id   A,C
#
# COMPACT_ATOMS: atom_id res chain seq x y z
N GLY A 2 12.81 -22.28 -27.50
CA GLY A 2 12.78 -20.87 -26.98
C GLY A 2 11.80 -20.80 -25.83
N VAL A 3 12.06 -19.91 -24.86
CA VAL A 3 11.20 -19.80 -23.65
C VAL A 3 9.69 -19.55 -23.95
N TYR A 4 9.42 -18.81 -25.04
CA TYR A 4 8.08 -18.44 -25.41
C TYR A 4 7.48 -19.31 -26.56
N ASP A 5 8.08 -20.46 -26.82
CA ASP A 5 7.46 -21.49 -27.70
C ASP A 5 6.01 -21.75 -27.28
N TYR A 6 5.12 -21.73 -28.28
CA TYR A 6 3.69 -21.84 -28.03
C TYR A 6 3.15 -22.90 -28.93
N LYS A 7 2.45 -23.86 -28.34
CA LYS A 7 1.79 -24.93 -29.08
C LYS A 7 2.81 -25.63 -29.97
N ASN A 8 2.48 -25.80 -31.24
CA ASN A 8 3.39 -26.45 -32.19
C ASN A 8 3.96 -25.47 -33.18
N PHE A 9 3.77 -24.16 -32.92
CA PHE A 9 4.27 -23.10 -33.77
C PHE A 9 5.79 -23.13 -33.71
N GLY A 10 6.47 -22.66 -34.74
CA GLY A 10 7.92 -22.74 -34.62
C GLY A 10 8.49 -21.83 -33.54
N THR A 11 9.83 -21.76 -33.48
CA THR A 11 10.51 -20.76 -32.68
C THR A 11 10.16 -19.36 -33.16
N ALA A 12 10.36 -19.10 -34.46
CA ALA A 12 10.03 -17.81 -35.08
C ALA A 12 8.58 -17.35 -34.95
N ASP A 13 7.63 -18.26 -35.20
CA ASP A 13 6.21 -17.90 -35.21
C ASP A 13 5.66 -17.65 -33.80
N SER A 14 6.16 -18.43 -32.82
CA SER A 14 5.93 -18.14 -31.40
C SER A 14 6.45 -16.76 -30.97
N LYS A 15 7.63 -16.37 -31.46
CA LYS A 15 8.19 -15.05 -31.12
C LYS A 15 7.34 -13.93 -31.69
N ALA A 16 6.85 -14.13 -32.92
CA ALA A 16 6.03 -13.10 -33.58
C ALA A 16 4.67 -12.89 -32.87
N LEU A 17 4.12 -14.00 -32.40
CA LEU A 17 2.91 -14.09 -31.62
C LEU A 17 3.11 -13.40 -30.27
N PHE A 18 4.19 -13.77 -29.59
CA PHE A 18 4.59 -13.13 -28.35
C PHE A 18 4.74 -11.60 -28.45
N SER A 19 5.46 -11.13 -29.47
CA SER A 19 5.70 -9.70 -29.62
C SER A 19 4.38 -8.91 -29.82
N ASP A 20 3.43 -9.51 -30.57
CA ASP A 20 2.09 -8.97 -30.78
C ASP A 20 1.25 -8.98 -29.49
N ALA A 21 1.27 -10.10 -28.76
CA ALA A 21 0.55 -10.18 -27.50
C ALA A 21 1.04 -9.04 -26.57
N MET A 22 2.35 -8.84 -26.51
CA MET A 22 2.93 -7.77 -25.70
C MET A 22 2.53 -6.38 -26.18
N ALA A 23 2.59 -6.15 -27.49
CA ALA A 23 2.21 -4.85 -28.03
C ALA A 23 0.74 -4.51 -27.64
N ILE A 24 -0.15 -5.46 -27.87
CA ILE A 24 -1.57 -5.20 -27.56
C ILE A 24 -1.84 -5.11 -26.04
N THR A 25 -1.08 -5.88 -25.24
CA THR A 25 -1.13 -5.78 -23.78
C THR A 25 -0.71 -4.38 -23.27
N LEU A 26 0.41 -3.87 -23.80
CA LEU A 26 0.83 -2.51 -23.45
C LEU A 26 -0.20 -1.48 -23.87
N TYR A 27 -0.76 -1.62 -25.08
CA TYR A 27 -1.79 -0.70 -25.57
C TYR A 27 -2.98 -0.57 -24.58
N SER A 28 -3.39 -1.69 -24.00
CA SER A 28 -4.55 -1.75 -23.13
C SER A 28 -4.42 -0.89 -21.86
N TYR A 29 -3.19 -0.59 -21.43
CA TYR A 29 -2.96 0.26 -20.27
C TYR A 29 -2.80 1.77 -20.65
N HIS A 30 -2.68 2.08 -21.95
CA HIS A 30 -2.58 3.49 -22.41
C HIS A 30 -1.46 4.29 -21.72
N ASN A 31 -0.33 3.60 -21.49
CA ASN A 31 0.86 4.21 -20.87
C ASN A 31 0.62 4.72 -19.47
N LEU A 32 -0.32 4.14 -18.70
CA LEU A 32 -0.58 4.63 -17.32
C LEU A 32 0.67 4.55 -16.45
N ASP A 33 1.48 3.50 -16.66
CA ASP A 33 2.70 3.35 -15.86
C ASP A 33 3.95 4.09 -16.39
N ASN A 34 3.77 4.84 -17.49
CA ASN A 34 4.88 5.58 -18.17
C ASN A 34 5.66 6.46 -17.19
N GLY A 35 4.94 7.29 -16.46
CA GLY A 35 5.58 8.12 -15.42
C GLY A 35 6.28 7.32 -14.33
N PHE A 36 5.67 6.22 -13.90
CA PHE A 36 6.32 5.36 -12.91
C PHE A 36 7.66 4.80 -13.45
N ALA A 37 7.61 4.28 -14.68
CA ALA A 37 8.75 3.61 -15.30
C ALA A 37 9.88 4.63 -15.47
N ALA A 38 9.51 5.83 -15.93
CA ALA A 38 10.48 6.89 -16.17
C ALA A 38 11.07 7.47 -14.83
N GLY A 39 10.20 7.70 -13.85
CA GLY A 39 10.63 8.09 -12.50
C GLY A 39 11.63 7.10 -11.95
N TYR A 40 11.25 5.84 -11.97
CA TYR A 40 12.10 4.78 -11.47
C TYR A 40 13.44 4.78 -12.19
N GLN A 41 13.43 4.91 -13.52
CA GLN A 41 14.65 4.82 -14.29
C GLN A 41 15.66 5.92 -13.89
N HIS A 42 15.15 7.13 -13.64
CA HIS A 42 15.99 8.26 -13.22
C HIS A 42 16.37 8.23 -11.73
N ASN A 43 15.45 7.78 -10.86
CA ASN A 43 15.60 8.00 -9.41
C ASN A 43 15.90 6.74 -8.59
N GLY A 44 15.49 5.60 -9.13
CA GLY A 44 15.54 4.33 -8.41
C GLY A 44 14.46 4.07 -7.37
N PHE A 45 14.80 3.28 -6.36
CA PHE A 45 13.79 2.75 -5.47
C PHE A 45 14.23 2.74 -4.02
N GLY A 46 15.22 3.54 -3.74
CA GLY A 46 15.70 3.72 -2.42
C GLY A 46 15.33 5.07 -1.91
N LEU A 47 16.43 5.82 -1.57
CA LEU A 47 16.32 7.25 -1.37
C LEU A 47 15.33 7.83 -2.36
N GLY A 48 15.67 7.78 -3.64
CA GLY A 48 14.82 8.40 -4.61
C GLY A 48 13.45 7.82 -4.84
N LEU A 49 13.03 6.87 -4.03
CA LEU A 49 11.67 6.32 -4.17
C LEU A 49 10.60 7.43 -4.17
N PRO A 50 10.67 8.39 -3.20
CA PRO A 50 9.66 9.47 -3.31
C PRO A 50 9.63 10.23 -4.67
N ALA A 51 10.79 10.49 -5.27
CA ALA A 51 10.89 11.22 -6.55
C ALA A 51 10.31 10.36 -7.66
N THR A 52 10.54 9.04 -7.56
CA THR A 52 9.94 8.06 -8.46
C THR A 52 8.40 8.11 -8.39
N LEU A 53 7.86 8.21 -7.17
CA LEU A 53 6.42 8.27 -6.92
C LEU A 53 5.84 9.58 -7.41
N VAL A 54 6.58 10.69 -7.25
CA VAL A 54 6.18 11.97 -7.86
C VAL A 54 5.91 11.81 -9.37
N THR A 55 6.87 11.20 -10.06
CA THR A 55 6.79 11.05 -11.47
C THR A 55 5.66 10.06 -11.82
N ALA A 56 5.44 9.06 -10.95
CA ALA A 56 4.32 8.12 -11.17
C ALA A 56 2.99 8.87 -11.29
N LEU A 57 2.88 9.96 -10.53
CA LEU A 57 1.66 10.78 -10.46
C LEU A 57 1.58 11.86 -11.54
N LEU A 58 2.67 12.61 -11.71
CA LEU A 58 2.72 13.86 -12.48
C LEU A 58 3.58 13.76 -13.74
N GLY A 59 4.32 12.67 -13.88
CA GLY A 59 5.26 12.48 -14.98
C GLY A 59 6.38 13.51 -14.88
N GLY A 60 6.88 13.94 -16.03
CA GLY A 60 7.83 15.04 -16.13
C GLY A 60 7.81 15.54 -17.58
N THR A 61 8.95 16.07 -18.03
CA THR A 61 9.03 16.66 -19.39
C THR A 61 9.05 15.54 -20.42
N ASP A 62 9.33 14.31 -20.01
CA ASP A 62 9.43 13.23 -20.99
C ASP A 62 8.56 11.99 -20.69
N SER A 63 7.65 12.14 -19.72
CA SER A 63 6.71 11.07 -19.35
C SER A 63 5.39 11.61 -18.81
N GLN A 64 4.33 10.78 -18.85
CA GLN A 64 3.05 11.13 -18.26
C GLN A 64 2.72 10.14 -17.15
N GLY A 65 2.48 10.67 -15.94
CA GLY A 65 2.00 9.84 -14.85
C GLY A 65 0.49 9.64 -14.92
N VAL A 66 -0.09 9.40 -13.77
CA VAL A 66 -1.51 9.03 -13.62
C VAL A 66 -2.41 10.24 -13.97
N ILE A 67 -1.95 11.44 -13.61
CA ILE A 67 -2.72 12.67 -13.76
C ILE A 67 -2.70 13.23 -15.21
N PRO A 68 -3.90 13.38 -15.82
CA PRO A 68 -4.00 13.87 -17.20
C PRO A 68 -3.90 15.39 -17.26
N GLY A 69 -3.77 15.93 -18.48
CA GLY A 69 -3.86 17.37 -18.74
C GLY A 69 -2.70 18.22 -18.27
N ILE A 70 -1.56 17.61 -17.91
CA ILE A 70 -0.40 18.42 -17.56
C ILE A 70 0.37 18.80 -18.85
N PRO A 71 0.51 20.13 -19.13
CA PRO A 71 0.97 20.65 -20.42
C PRO A 71 2.37 20.20 -20.86
N TRP A 72 3.29 20.17 -19.91
CA TRP A 72 4.66 19.75 -20.16
C TRP A 72 4.88 18.20 -20.31
N ASN A 73 3.87 17.38 -20.01
CA ASN A 73 3.96 15.91 -20.15
C ASN A 73 3.82 15.66 -21.64
N PRO A 74 4.47 14.60 -22.15
CA PRO A 74 4.08 14.11 -23.47
C PRO A 74 2.68 13.45 -23.49
N ASP A 75 2.09 13.42 -24.67
CA ASP A 75 0.83 12.74 -24.88
C ASP A 75 1.04 11.22 -24.95
N SER A 76 1.24 10.57 -23.78
CA SER A 76 1.63 9.15 -23.71
C SER A 76 0.58 8.24 -24.31
N GLU A 77 -0.67 8.70 -24.29
CA GLU A 77 -1.80 7.92 -24.77
C GLU A 77 -1.77 7.87 -26.28
N LYS A 78 -1.42 8.99 -26.89
CA LYS A 78 -1.15 8.99 -28.30
C LYS A 78 0.11 8.21 -28.67
N LEU A 79 1.16 8.30 -27.87
CA LEU A 79 2.32 7.39 -28.09
C LEU A 79 1.91 5.90 -28.01
N ALA A 80 1.02 5.54 -27.08
CA ALA A 80 0.54 4.16 -26.96
C ALA A 80 -0.21 3.68 -28.23
N LEU A 81 -1.07 4.54 -28.78
CA LEU A 81 -1.77 4.27 -30.01
C LEU A 81 -0.80 4.11 -31.21
N ASP A 82 0.09 5.08 -31.38
CA ASP A 82 1.18 4.99 -32.39
C ASP A 82 1.97 3.71 -32.30
N ALA A 83 2.31 3.32 -31.04
CA ALA A 83 3.08 2.10 -30.80
C ALA A 83 2.34 0.83 -31.26
N VAL A 84 1.03 0.74 -30.95
CA VAL A 84 0.27 -0.46 -31.31
C VAL A 84 0.07 -0.55 -32.85
N LYS A 85 -0.03 0.61 -33.48
CA LYS A 85 -0.14 0.71 -34.93
C LYS A 85 1.18 0.30 -35.62
N LYS A 86 2.30 0.81 -35.12
CA LYS A 86 3.62 0.38 -35.59
C LYS A 86 3.81 -1.15 -35.55
N ALA A 87 3.16 -1.79 -34.58
CA ALA A 87 3.17 -3.23 -34.43
C ALA A 87 2.16 -3.90 -35.38
N GLY A 88 1.39 -3.08 -36.09
CA GLY A 88 0.46 -3.58 -37.08
C GLY A 88 -1.00 -3.57 -36.73
N TRP A 89 -1.35 -2.95 -35.60
CA TRP A 89 -2.70 -3.09 -35.01
C TRP A 89 -3.52 -1.81 -35.08
N THR A 90 -4.78 -1.95 -35.42
CA THR A 90 -5.71 -0.81 -35.39
C THR A 90 -6.96 -1.20 -34.63
N PRO A 91 -7.38 -0.39 -33.65
CA PRO A 91 -8.65 -0.65 -32.93
C PRO A 91 -9.88 -0.80 -33.88
N ILE A 92 -10.61 -1.88 -33.69
CA ILE A 92 -11.85 -2.13 -34.39
C ILE A 92 -12.97 -1.39 -33.65
N THR A 93 -13.77 -0.61 -34.38
CA THR A 93 -14.75 0.26 -33.75
C THR A 93 -16.02 -0.54 -33.40
N ALA A 94 -16.78 -0.03 -32.42
CA ALA A 94 -18.09 -0.56 -32.05
C ALA A 94 -18.95 -0.71 -33.29
N SER A 95 -18.83 0.27 -34.19
CA SER A 95 -19.64 0.29 -35.40
C SER A 95 -19.25 -0.79 -36.42
N GLN A 96 -17.95 -1.08 -36.56
CA GLN A 96 -17.51 -2.21 -37.41
C GLN A 96 -18.08 -3.55 -36.91
N LEU A 97 -18.22 -3.70 -35.60
CA LEU A 97 -18.65 -4.96 -35.01
C LEU A 97 -20.18 -5.04 -34.87
N GLY A 98 -20.87 -3.95 -35.13
CA GLY A 98 -22.30 -3.88 -34.82
C GLY A 98 -22.57 -4.04 -33.32
N TYR A 99 -21.72 -3.42 -32.49
CA TYR A 99 -21.79 -3.57 -31.01
C TYR A 99 -22.56 -2.43 -30.37
N ASP A 100 -23.52 -2.77 -29.50
CA ASP A 100 -24.39 -1.77 -28.87
C ASP A 100 -24.09 -1.49 -27.38
N GLY A 101 -22.97 -2.01 -26.89
CA GLY A 101 -22.54 -1.73 -25.52
C GLY A 101 -21.73 -0.45 -25.42
N LYS A 102 -21.04 -0.25 -24.30
CA LYS A 102 -20.24 0.95 -24.07
C LYS A 102 -18.86 0.89 -24.67
N THR A 103 -18.50 1.97 -25.34
CA THR A 103 -17.11 2.32 -25.56
C THR A 103 -16.83 3.72 -24.99
N ASP A 104 -15.54 4.10 -24.88
CA ASP A 104 -15.18 5.50 -24.63
C ASP A 104 -14.59 6.20 -25.88
N ALA A 105 -14.20 7.46 -25.72
CA ALA A 105 -13.62 8.22 -26.81
C ALA A 105 -12.38 7.55 -27.49
N ARG A 106 -11.74 6.58 -26.85
CA ARG A 106 -10.58 5.93 -27.42
C ARG A 106 -10.94 4.65 -28.18
N GLY A 107 -12.21 4.24 -28.14
CA GLY A 107 -12.59 2.95 -28.72
C GLY A 107 -12.47 1.76 -27.78
N THR A 108 -12.16 2.02 -26.51
CA THR A 108 -12.09 0.98 -25.48
C THR A 108 -13.49 0.35 -25.21
N PHE A 109 -13.56 -0.95 -25.05
CA PHE A 109 -14.83 -1.60 -24.69
C PHE A 109 -14.94 -1.81 -23.18
N PHE A 110 -16.14 -1.60 -22.63
CA PHE A 110 -16.35 -1.62 -21.17
C PHE A 110 -17.25 -2.81 -20.82
N GLY A 111 -17.06 -3.36 -19.62
CA GLY A 111 -17.75 -4.58 -19.20
C GLY A 111 -19.26 -4.39 -19.19
N GLU A 112 -19.99 -5.47 -19.48
CA GLU A 112 -21.41 -5.36 -19.86
C GLU A 112 -22.42 -5.49 -18.69
N LYS A 113 -22.02 -6.11 -17.59
CA LYS A 113 -22.99 -6.40 -16.53
C LYS A 113 -22.56 -5.73 -15.23
N ALA A 114 -23.54 -5.52 -14.34
CA ALA A 114 -23.30 -5.04 -13.00
C ALA A 114 -22.21 -5.88 -12.33
N GLY A 115 -21.29 -5.21 -11.62
CA GLY A 115 -20.10 -5.89 -11.04
C GLY A 115 -18.93 -6.06 -12.01
N TYR A 116 -19.15 -5.74 -13.28
CA TYR A 116 -18.14 -5.88 -14.36
C TYR A 116 -17.97 -4.61 -15.19
N THR A 117 -18.60 -3.52 -14.77
CA THR A 117 -18.59 -2.27 -15.56
C THR A 117 -17.20 -1.53 -15.65
N THR A 118 -16.23 -1.98 -14.84
CA THR A 118 -14.91 -1.37 -14.81
C THR A 118 -13.92 -2.28 -15.55
N ALA A 119 -14.44 -3.33 -16.17
CA ALA A 119 -13.65 -4.15 -17.04
C ALA A 119 -13.42 -3.40 -18.37
N GLN A 120 -12.20 -3.51 -18.92
CA GLN A 120 -11.88 -2.90 -20.20
C GLN A 120 -11.27 -3.93 -21.10
N VAL A 121 -11.59 -3.86 -22.38
CA VAL A 121 -10.92 -4.69 -23.39
C VAL A 121 -10.71 -3.87 -24.65
N GLU A 122 -9.61 -4.14 -25.34
CA GLU A 122 -9.36 -3.59 -26.66
C GLU A 122 -9.54 -4.66 -27.74
N ILE A 123 -10.29 -4.32 -28.80
CA ILE A 123 -10.43 -5.25 -29.94
C ILE A 123 -9.72 -4.63 -31.13
N LEU A 124 -8.70 -5.32 -31.66
CA LEU A 124 -7.82 -4.73 -32.70
C LEU A 124 -7.72 -5.60 -33.93
N GLY A 125 -7.50 -4.96 -35.08
CA GLY A 125 -7.29 -5.65 -36.35
C GLY A 125 -5.93 -5.41 -36.98
N LYS A 126 -5.40 -6.47 -37.57
CA LYS A 126 -4.17 -6.46 -38.37
C LYS A 126 -4.65 -6.57 -39.84
N TYR A 127 -4.18 -5.69 -40.71
CA TYR A 127 -4.67 -5.57 -42.07
C TYR A 127 -3.52 -5.69 -43.03
N ASP A 128 -3.68 -6.47 -44.12
CA ASP A 128 -2.59 -6.56 -45.12
C ASP A 128 -2.55 -5.34 -46.07
N ALA A 129 -1.61 -5.37 -47.03
CA ALA A 129 -1.37 -4.27 -48.01
C ALA A 129 -2.62 -3.82 -48.76
N GLN A 130 -3.43 -4.79 -49.16
CA GLN A 130 -4.73 -4.57 -49.77
C GLN A 130 -5.80 -4.10 -48.83
N GLY A 131 -5.52 -4.07 -47.54
CA GLY A 131 -6.46 -3.59 -46.52
C GLY A 131 -7.45 -4.65 -46.06
N HIS A 132 -7.12 -5.92 -46.26
CA HIS A 132 -7.95 -7.02 -45.76
C HIS A 132 -7.54 -7.41 -44.34
N LEU A 133 -8.54 -7.74 -43.52
CA LEU A 133 -8.30 -8.24 -42.17
C LEU A 133 -7.56 -9.59 -42.17
N THR A 134 -6.41 -9.66 -41.52
CA THR A 134 -5.70 -10.94 -41.41
C THR A 134 -5.71 -11.52 -39.98
N GLU A 135 -5.94 -10.68 -38.99
CA GLU A 135 -5.80 -11.07 -37.59
C GLU A 135 -6.63 -10.14 -36.68
N ILE A 136 -7.13 -10.73 -35.59
CA ILE A 136 -7.81 -9.99 -34.52
C ILE A 136 -7.00 -10.09 -33.21
N GLY A 137 -6.88 -8.97 -32.50
CA GLY A 137 -6.20 -8.94 -31.19
C GLY A 137 -7.24 -8.58 -30.14
N ILE A 138 -7.30 -9.38 -29.08
CA ILE A 138 -8.14 -9.11 -27.92
C ILE A 138 -7.27 -8.92 -26.67
N ALA A 139 -7.23 -7.67 -26.19
CA ALA A 139 -6.35 -7.24 -25.12
C ALA A 139 -7.17 -6.78 -23.91
N PHE A 140 -7.26 -7.63 -22.90
CA PHE A 140 -7.98 -7.28 -21.68
C PHE A 140 -7.08 -6.45 -20.80
N ARG A 141 -7.63 -5.36 -20.26
CA ARG A 141 -6.92 -4.47 -19.34
C ARG A 141 -6.78 -5.05 -17.93
N GLY A 142 -5.60 -4.90 -17.32
CA GLY A 142 -5.45 -5.20 -15.90
C GLY A 142 -6.12 -4.21 -14.96
N THR A 143 -5.95 -4.40 -13.65
CA THR A 143 -6.45 -3.44 -12.68
C THR A 143 -5.99 -2.04 -13.14
N SER A 144 -6.80 -1.02 -12.92
CA SER A 144 -6.76 0.34 -13.47
C SER A 144 -7.82 0.64 -14.57
N GLY A 145 -8.09 1.91 -14.85
CA GLY A 145 -8.96 2.29 -15.95
C GLY A 145 -8.48 3.58 -16.61
N PRO A 146 -9.31 4.17 -17.50
CA PRO A 146 -8.99 5.47 -18.15
C PRO A 146 -8.56 6.50 -17.12
N ARG A 147 -7.53 7.31 -17.41
CA ARG A 147 -7.05 8.34 -16.44
C ARG A 147 -8.16 9.21 -15.78
N GLU A 148 -9.19 9.59 -16.59
CA GLU A 148 -10.41 10.31 -16.17
C GLU A 148 -11.11 9.76 -14.91
N ASN A 149 -11.13 8.44 -14.78
CA ASN A 149 -11.95 7.84 -13.75
C ASN A 149 -11.20 6.71 -13.04
N LEU A 150 -9.93 6.98 -12.82
CA LEU A 150 -8.97 5.97 -12.43
C LEU A 150 -9.26 5.35 -11.06
N ILE A 151 -9.45 6.18 -10.02
CA ILE A 151 -9.68 5.70 -8.65
C ILE A 151 -10.98 4.84 -8.58
N LEU A 152 -12.09 5.40 -9.05
CA LEU A 152 -13.38 4.71 -9.02
C LEU A 152 -13.35 3.41 -9.82
N ASP A 153 -12.78 3.45 -11.02
CA ASP A 153 -12.63 2.29 -11.88
C ASP A 153 -11.69 1.23 -11.18
N SER A 154 -10.60 1.69 -10.58
CA SER A 154 -9.70 0.75 -9.92
C SER A 154 -10.39 0.03 -8.74
N ILE A 155 -11.22 0.74 -7.98
CA ILE A 155 -11.97 0.16 -6.85
C ILE A 155 -12.83 -1.00 -7.37
N GLY A 156 -13.60 -0.77 -8.44
CA GLY A 156 -14.33 -1.84 -9.13
C GLY A 156 -13.48 -3.03 -9.50
N ASP A 157 -12.37 -2.77 -10.17
CA ASP A 157 -11.37 -3.81 -10.50
C ASP A 157 -10.91 -4.60 -9.26
N VAL A 158 -10.58 -3.91 -8.18
CA VAL A 158 -10.08 -4.59 -6.95
C VAL A 158 -11.11 -5.53 -6.35
N ILE A 159 -12.40 -5.12 -6.36
CA ILE A 159 -13.47 -6.04 -5.99
C ILE A 159 -13.46 -7.30 -6.84
N ASN A 160 -13.26 -7.13 -8.16
CA ASN A 160 -13.20 -8.26 -9.09
C ASN A 160 -11.97 -9.13 -8.72
N ASP A 161 -10.86 -8.47 -8.39
CA ASP A 161 -9.61 -9.15 -8.00
C ASP A 161 -9.86 -9.99 -6.74
N LEU A 162 -10.49 -9.38 -5.75
CA LEU A 162 -10.79 -10.09 -4.51
C LEU A 162 -11.77 -11.27 -4.75
N LEU A 163 -12.73 -11.10 -5.64
CA LEU A 163 -13.69 -12.17 -5.89
C LEU A 163 -13.04 -13.40 -6.58
N ALA A 164 -12.02 -13.15 -7.42
CA ALA A 164 -11.20 -14.24 -8.01
C ALA A 164 -10.57 -15.17 -6.94
N ALA A 165 -10.19 -14.61 -5.79
CA ALA A 165 -9.55 -15.32 -4.70
C ALA A 165 -10.58 -15.81 -3.66
N PHE A 166 -11.64 -15.03 -3.41
CA PHE A 166 -12.51 -15.26 -2.24
C PHE A 166 -13.99 -15.42 -2.52
N GLY A 167 -14.38 -15.41 -3.80
CA GLY A 167 -15.77 -15.41 -4.23
C GLY A 167 -16.24 -16.78 -4.68
N PRO A 168 -17.23 -16.84 -5.59
CA PRO A 168 -17.61 -18.17 -6.11
C PRO A 168 -16.38 -18.91 -6.66
N LYS A 169 -16.36 -20.23 -6.52
CA LYS A 169 -15.24 -21.04 -7.02
C LYS A 169 -14.85 -20.75 -8.52
N ASP A 170 -15.83 -20.62 -9.41
CA ASP A 170 -15.52 -20.33 -10.81
C ASP A 170 -15.54 -18.85 -11.16
N TYR A 171 -15.31 -17.96 -10.18
CA TYR A 171 -15.48 -16.55 -10.47
C TYR A 171 -14.47 -16.06 -11.53
N ALA A 172 -13.17 -16.39 -11.36
CA ALA A 172 -12.16 -16.04 -12.37
C ALA A 172 -12.47 -16.65 -13.78
N LYS A 173 -12.70 -17.97 -13.83
CA LYS A 173 -13.14 -18.68 -15.03
C LYS A 173 -14.27 -17.96 -15.83
N ASN A 174 -15.26 -17.46 -15.08
CA ASN A 174 -16.44 -16.82 -15.67
C ASN A 174 -16.34 -15.35 -15.98
N TYR A 175 -15.34 -14.69 -15.43
CA TYR A 175 -15.12 -13.23 -15.65
C TYR A 175 -15.32 -12.71 -17.09
N VAL A 176 -14.70 -13.34 -18.08
CA VAL A 176 -14.86 -12.80 -19.46
C VAL A 176 -16.30 -13.03 -20.03
N GLY A 177 -16.88 -14.16 -19.64
CA GLY A 177 -18.28 -14.51 -19.93
C GLY A 177 -19.25 -13.48 -19.41
N GLU A 178 -19.11 -13.11 -18.13
CA GLU A 178 -19.90 -12.04 -17.53
C GLU A 178 -19.63 -10.60 -18.01
N ALA A 179 -18.36 -10.27 -18.22
CA ALA A 179 -17.94 -8.92 -18.67
C ALA A 179 -18.19 -8.62 -20.15
N PHE A 180 -17.94 -9.59 -21.04
CA PHE A 180 -17.88 -9.34 -22.49
C PHE A 180 -18.49 -10.49 -23.34
N GLY A 181 -19.46 -11.19 -22.77
CA GLY A 181 -20.22 -12.27 -23.47
C GLY A 181 -20.82 -11.89 -24.82
N ASN A 182 -21.53 -10.76 -24.86
CA ASN A 182 -22.14 -10.18 -26.06
C ASN A 182 -21.06 -9.66 -27.00
N LEU A 183 -20.19 -8.77 -26.53
CA LEU A 183 -19.08 -8.27 -27.37
C LEU A 183 -18.39 -9.40 -28.16
N LEU A 184 -18.09 -10.50 -27.50
CA LEU A 184 -17.39 -11.61 -28.10
C LEU A 184 -18.25 -12.33 -29.10
N ASN A 185 -19.57 -12.35 -28.89
CA ASN A 185 -20.48 -12.84 -30.00
C ASN A 185 -20.36 -11.98 -31.25
N ASP A 186 -20.35 -10.67 -31.05
CA ASP A 186 -20.11 -9.74 -32.16
C ASP A 186 -18.73 -9.90 -32.83
N VAL A 187 -17.71 -10.27 -32.04
CA VAL A 187 -16.37 -10.50 -32.60
C VAL A 187 -16.38 -11.76 -33.49
N VAL A 188 -17.05 -12.83 -33.03
CA VAL A 188 -17.24 -14.02 -33.82
C VAL A 188 -17.89 -13.70 -35.19
N ALA A 189 -18.98 -12.92 -35.18
CA ALA A 189 -19.63 -12.51 -36.44
C ALA A 189 -18.71 -11.66 -37.30
N PHE A 190 -17.96 -10.76 -36.67
CA PHE A 190 -17.04 -9.91 -37.42
C PHE A 190 -15.96 -10.75 -38.09
N ALA A 191 -15.41 -11.72 -37.34
CA ALA A 191 -14.34 -12.59 -37.85
C ALA A 191 -14.82 -13.43 -39.04
N LYS A 192 -15.97 -14.10 -38.87
CA LYS A 192 -16.64 -14.91 -39.92
C LYS A 192 -16.84 -14.08 -41.19
N ALA A 193 -17.44 -12.89 -41.04
CA ALA A 193 -17.64 -11.93 -42.11
C ALA A 193 -16.35 -11.60 -42.88
N ASN A 194 -15.20 -11.66 -42.21
CA ASN A 194 -13.93 -11.34 -42.87
C ASN A 194 -13.13 -12.59 -43.29
N GLY A 195 -13.76 -13.76 -43.18
CA GLY A 195 -13.11 -14.98 -43.63
C GLY A 195 -12.08 -15.55 -42.67
N LEU A 196 -12.15 -15.10 -41.40
CA LEU A 196 -11.24 -15.51 -40.35
C LEU A 196 -11.85 -16.59 -39.47
N SER A 197 -11.02 -17.40 -38.82
CA SER A 197 -11.51 -18.33 -37.79
C SER A 197 -10.81 -18.11 -36.43
N GLY A 198 -10.97 -19.07 -35.52
CA GLY A 198 -10.41 -18.97 -34.16
C GLY A 198 -8.89 -18.78 -34.12
N LYS A 199 -8.21 -19.48 -35.03
CA LYS A 199 -6.74 -19.50 -35.15
C LYS A 199 -6.11 -18.14 -35.49
N ASP A 200 -6.93 -17.23 -36.06
CA ASP A 200 -6.53 -15.87 -36.45
C ASP A 200 -6.79 -14.85 -35.34
N VAL A 201 -7.03 -15.34 -34.14
CA VAL A 201 -7.36 -14.46 -33.02
C VAL A 201 -6.28 -14.61 -31.98
N LEU A 202 -5.68 -13.49 -31.58
CA LEU A 202 -4.71 -13.48 -30.47
C LEU A 202 -5.32 -12.84 -29.24
N VAL A 203 -5.22 -13.53 -28.12
CA VAL A 203 -5.80 -13.02 -26.86
C VAL A 203 -4.70 -12.76 -25.84
N SER A 204 -4.62 -11.54 -25.35
CA SER A 204 -3.62 -11.22 -24.36
C SER A 204 -4.11 -10.22 -23.31
N GLY A 205 -3.20 -9.89 -22.40
CA GLY A 205 -3.51 -9.02 -21.26
C GLY A 205 -2.60 -9.27 -20.07
N HIS A 206 -2.59 -8.34 -19.13
CA HIS A 206 -1.61 -8.36 -18.01
C HIS A 206 -2.41 -8.32 -16.72
N SER A 207 -1.96 -9.11 -15.74
CA SER A 207 -2.51 -9.05 -14.41
C SER A 207 -3.98 -9.52 -14.39
N LEU A 208 -4.91 -8.67 -13.94
CA LEU A 208 -6.36 -8.96 -14.08
C LEU A 208 -6.71 -9.25 -15.56
N GLY A 209 -6.07 -8.55 -16.49
CA GLY A 209 -6.20 -8.84 -17.93
C GLY A 209 -5.64 -10.21 -18.31
N GLY A 210 -4.58 -10.62 -17.61
CA GLY A 210 -4.05 -11.96 -17.81
C GLY A 210 -4.99 -12.99 -17.19
N LEU A 211 -5.63 -12.67 -16.05
CA LEU A 211 -6.72 -13.48 -15.50
C LEU A 211 -7.81 -13.67 -16.56
N ALA A 212 -8.20 -12.58 -17.22
CA ALA A 212 -9.19 -12.59 -18.32
C ALA A 212 -8.77 -13.45 -19.51
N VAL A 213 -7.49 -13.42 -19.87
CA VAL A 213 -6.98 -14.35 -20.91
C VAL A 213 -7.34 -15.82 -20.56
N ASN A 214 -7.06 -16.18 -19.31
CA ASN A 214 -7.21 -17.53 -18.83
C ASN A 214 -8.69 -17.90 -18.71
N SER A 215 -9.52 -16.92 -18.31
CA SER A 215 -11.00 -17.03 -18.28
C SER A 215 -11.53 -17.36 -19.68
N MET A 216 -11.11 -16.60 -20.68
CA MET A 216 -11.56 -16.77 -22.02
C MET A 216 -11.20 -18.18 -22.51
N ALA A 217 -9.95 -18.62 -22.32
CA ALA A 217 -9.52 -20.00 -22.68
C ALA A 217 -10.39 -21.09 -22.04
N ASP A 218 -10.63 -20.95 -20.73
CA ASP A 218 -11.55 -21.83 -20.00
C ASP A 218 -12.95 -21.86 -20.58
N LEU A 219 -13.50 -20.71 -20.96
CA LEU A 219 -14.83 -20.66 -21.59
C LEU A 219 -14.89 -21.02 -23.09
N SER A 220 -13.72 -21.10 -23.76
CA SER A 220 -13.67 -21.11 -25.23
C SER A 220 -14.22 -22.38 -25.90
N GLY A 221 -14.07 -23.52 -25.23
CA GLY A 221 -14.60 -24.80 -25.69
C GLY A 221 -16.12 -24.77 -25.79
N GLY A 222 -16.77 -24.19 -24.77
CA GLY A 222 -18.20 -24.28 -24.59
C GLY A 222 -19.00 -23.06 -24.98
N LYS A 223 -18.41 -21.87 -24.88
CA LYS A 223 -19.10 -20.63 -25.23
C LYS A 223 -18.74 -20.14 -26.62
N TRP A 224 -19.47 -19.11 -27.07
CA TRP A 224 -19.36 -18.51 -28.44
C TRP A 224 -19.28 -19.54 -29.57
N GLY A 225 -20.05 -20.63 -29.43
CA GLY A 225 -20.11 -21.71 -30.41
C GLY A 225 -18.80 -22.46 -30.57
N GLY A 226 -17.95 -22.44 -29.54
CA GLY A 226 -16.61 -23.03 -29.65
C GLY A 226 -15.63 -22.31 -30.58
N PHE A 227 -16.00 -21.13 -31.07
CA PHE A 227 -15.22 -20.44 -32.11
C PHE A 227 -13.78 -20.14 -31.66
N PHE A 228 -13.63 -19.66 -30.41
CA PHE A 228 -12.31 -19.26 -29.91
C PHE A 228 -11.45 -20.41 -29.34
N ALA A 229 -11.89 -21.66 -29.52
CA ALA A 229 -11.23 -22.83 -28.91
C ALA A 229 -9.78 -23.01 -29.31
N ASP A 230 -9.47 -22.55 -30.52
CA ASP A 230 -8.18 -22.76 -31.15
C ASP A 230 -7.48 -21.44 -31.33
N SER A 231 -7.95 -20.43 -30.60
CA SER A 231 -7.28 -19.15 -30.53
C SER A 231 -5.94 -19.22 -29.77
N ASN A 232 -5.19 -18.12 -29.84
CA ASN A 232 -3.86 -18.00 -29.25
C ASN A 232 -3.96 -17.16 -27.99
N TYR A 233 -3.63 -17.76 -26.85
CA TYR A 233 -3.79 -17.14 -25.51
C TYR A 233 -2.38 -17.01 -24.90
N ILE A 234 -1.91 -15.77 -24.80
CA ILE A 234 -0.66 -15.44 -24.11
C ILE A 234 -0.98 -14.41 -23.01
N ALA A 235 -0.86 -14.83 -21.75
CA ALA A 235 -1.19 -13.99 -20.57
C ALA A 235 0.06 -13.53 -19.82
N TYR A 236 0.08 -12.26 -19.41
CA TYR A 236 1.19 -11.72 -18.62
C TYR A 236 0.79 -11.51 -17.16
N ALA A 237 1.62 -11.99 -16.23
CA ALA A 237 1.42 -11.67 -14.81
C ALA A 237 0.01 -12.01 -14.30
N SER A 238 -0.59 -13.06 -14.83
CA SER A 238 -1.89 -13.48 -14.38
C SER A 238 -1.74 -14.12 -12.99
N PRO A 239 -2.63 -13.78 -12.05
CA PRO A 239 -2.70 -14.58 -10.81
C PRO A 239 -3.26 -16.00 -11.00
N THR A 240 -3.94 -16.27 -12.10
CA THR A 240 -4.62 -17.52 -12.27
C THR A 240 -4.01 -18.28 -13.47
N GLN A 241 -4.24 -19.59 -13.49
CA GLN A 241 -4.00 -20.40 -14.66
C GLN A 241 -5.30 -21.14 -15.00
N SER A 242 -5.66 -21.06 -16.26
CA SER A 242 -6.68 -21.85 -16.89
C SER A 242 -6.57 -23.36 -16.60
N SER A 243 -7.72 -24.03 -16.52
CA SER A 243 -7.76 -25.49 -16.55
C SER A 243 -7.33 -26.14 -17.85
N THR A 244 -7.12 -25.34 -18.87
CA THR A 244 -6.93 -25.92 -20.21
C THR A 244 -5.44 -25.98 -20.46
N ASP A 245 -5.06 -26.49 -21.63
CA ASP A 245 -3.67 -26.46 -22.09
C ASP A 245 -3.43 -25.34 -23.08
N LYS A 246 -4.31 -24.36 -23.10
CA LYS A 246 -4.39 -23.35 -24.15
C LYS A 246 -3.54 -22.06 -23.94
N VAL A 247 -3.08 -21.80 -22.72
CA VAL A 247 -2.57 -20.50 -22.33
C VAL A 247 -1.10 -20.54 -21.99
N LEU A 248 -0.34 -19.66 -22.63
CA LEU A 248 1.04 -19.46 -22.23
C LEU A 248 1.01 -18.35 -21.17
N ASN A 249 1.36 -18.75 -19.96
CA ASN A 249 1.31 -17.86 -18.82
C ASN A 249 2.72 -17.32 -18.55
N VAL A 250 2.93 -16.09 -18.99
CA VAL A 250 4.22 -15.46 -18.89
C VAL A 250 4.29 -14.51 -17.73
N GLY A 251 5.40 -14.56 -17.02
CA GLY A 251 5.64 -13.50 -16.03
C GLY A 251 7.00 -13.56 -15.39
N TYR A 252 7.29 -12.57 -14.54
CA TYR A 252 8.50 -12.59 -13.70
C TYR A 252 8.28 -13.37 -12.41
N GLU A 253 9.23 -14.23 -12.03
CA GLU A 253 8.99 -15.01 -10.81
C GLU A 253 8.97 -14.14 -9.57
N ASN A 254 9.61 -12.95 -9.58
CA ASN A 254 9.57 -12.00 -8.44
C ASN A 254 8.41 -10.95 -8.48
N ASP A 255 7.55 -11.10 -9.49
CA ASP A 255 6.27 -10.39 -9.54
C ASP A 255 5.28 -11.17 -8.61
N PRO A 256 4.88 -10.53 -7.46
CA PRO A 256 4.05 -11.27 -6.51
C PRO A 256 2.61 -11.50 -7.02
N VAL A 257 2.19 -10.78 -8.05
CA VAL A 257 0.88 -11.06 -8.69
C VAL A 257 0.88 -12.36 -9.47
N PHE A 258 2.03 -12.64 -10.11
CA PHE A 258 2.12 -13.73 -11.07
C PHE A 258 1.99 -15.09 -10.38
N ARG A 259 0.96 -15.86 -10.74
CA ARG A 259 0.72 -17.17 -10.08
C ARG A 259 0.33 -17.16 -8.58
N ALA A 260 -0.14 -15.99 -8.08
CA ALA A 260 -0.60 -15.81 -6.71
C ALA A 260 -1.62 -16.88 -6.38
N LEU A 261 -2.44 -17.23 -7.37
CA LEU A 261 -3.44 -18.27 -7.17
C LEU A 261 -3.00 -19.56 -7.87
N ASP A 262 -3.49 -20.67 -7.35
CA ASP A 262 -3.15 -21.98 -7.89
C ASP A 262 -4.37 -22.77 -8.49
N GLY A 263 -4.60 -22.99 -9.79
CA GLY A 263 -4.86 -22.08 -10.87
C GLY A 263 -5.92 -21.03 -10.65
N SER A 264 -7.02 -21.29 -9.91
CA SER A 264 -7.73 -20.15 -9.24
C SER A 264 -7.80 -20.14 -7.73
N THR A 265 -7.05 -21.00 -7.04
CA THR A 265 -7.28 -21.22 -5.60
C THR A 265 -6.36 -20.39 -4.70
N PHE A 266 -6.92 -19.76 -3.67
CA PHE A 266 -6.15 -19.04 -2.67
C PHE A 266 -5.58 -20.06 -1.68
N THR A 267 -4.26 -20.00 -1.48
CA THR A 267 -3.51 -20.95 -0.65
C THR A 267 -2.68 -20.12 0.34
N GLY A 268 -1.95 -20.76 1.24
CA GLY A 268 -1.07 -20.00 2.15
C GLY A 268 0.07 -19.29 1.41
N ALA A 269 0.54 -19.91 0.33
CA ALA A 269 1.57 -19.32 -0.54
C ALA A 269 1.15 -18.04 -1.29
N SER A 270 -0.16 -17.76 -1.39
CA SER A 270 -0.67 -16.60 -2.17
C SER A 270 -0.18 -15.27 -1.63
N VAL A 271 -0.03 -15.20 -0.31
CA VAL A 271 0.47 -14.01 0.38
C VAL A 271 1.93 -14.11 0.69
N GLY A 272 2.61 -15.08 0.08
CA GLY A 272 4.05 -15.16 0.24
C GLY A 272 4.67 -15.45 -1.11
N VAL A 273 5.70 -16.29 -1.07
CA VAL A 273 6.31 -16.90 -2.23
C VAL A 273 5.44 -18.06 -2.79
N HIS A 274 5.10 -17.95 -4.06
CA HIS A 274 4.22 -18.89 -4.71
C HIS A 274 4.92 -19.24 -6.03
N ASP A 275 6.03 -19.96 -5.90
CA ASP A 275 6.94 -20.20 -7.02
C ASP A 275 7.00 -21.69 -7.42
N ALA A 276 5.94 -22.45 -7.09
CA ALA A 276 5.92 -23.87 -7.44
C ALA A 276 5.86 -23.96 -8.95
N PRO A 277 6.52 -24.99 -9.55
CA PRO A 277 6.45 -25.18 -11.01
C PRO A 277 5.00 -25.33 -11.53
N LYS A 278 4.70 -24.67 -12.64
CA LYS A 278 3.37 -24.72 -13.25
C LYS A 278 3.56 -24.97 -14.73
N GLU A 279 2.87 -26.00 -15.23
CA GLU A 279 2.94 -26.46 -16.62
C GLU A 279 2.71 -25.34 -17.66
N SER A 280 1.72 -24.47 -17.41
CA SER A 280 1.37 -23.40 -18.35
C SER A 280 2.32 -22.19 -18.33
N ALA A 281 3.14 -22.11 -17.28
CA ALA A 281 3.90 -20.90 -16.92
C ALA A 281 5.41 -21.00 -17.18
N THR A 282 5.99 -19.86 -17.52
CA THR A 282 7.44 -19.63 -17.47
C THR A 282 7.79 -19.42 -16.00
N ASP A 283 8.47 -20.40 -15.40
CA ASP A 283 8.61 -20.35 -13.95
C ASP A 283 9.83 -19.60 -13.39
N ASN A 284 10.80 -19.29 -14.23
CA ASN A 284 12.12 -18.86 -13.78
C ASN A 284 12.69 -17.61 -14.45
N ILE A 285 11.83 -16.63 -14.77
CA ILE A 285 12.29 -15.34 -15.29
C ILE A 285 12.34 -14.28 -14.17
N VAL A 286 13.53 -13.73 -13.94
CA VAL A 286 13.77 -12.78 -12.81
C VAL A 286 13.90 -11.35 -13.36
N SER A 287 13.13 -10.44 -12.79
CA SER A 287 13.32 -9.04 -13.07
C SER A 287 14.38 -8.52 -12.09
N PHE A 288 15.59 -8.32 -12.59
CA PHE A 288 16.65 -7.88 -11.69
C PHE A 288 16.54 -6.36 -11.63
N ASN A 289 15.68 -5.88 -10.71
CA ASN A 289 15.40 -4.46 -10.57
C ASN A 289 15.96 -4.00 -9.21
N ASP A 290 15.82 -2.72 -8.87
CA ASP A 290 16.41 -2.18 -7.62
C ASP A 290 15.90 -2.85 -6.38
N HIS A 291 14.64 -3.24 -6.39
CA HIS A 291 14.04 -3.92 -5.24
C HIS A 291 14.66 -5.33 -5.07
N TYR A 292 14.61 -6.14 -6.12
CA TYR A 292 15.23 -7.46 -6.12
C TYR A 292 16.71 -7.41 -5.63
N ALA A 293 17.48 -6.43 -6.06
CA ALA A 293 18.93 -6.32 -5.73
C ALA A 293 19.16 -5.89 -4.30
N SER A 294 18.17 -5.22 -3.70
CA SER A 294 18.36 -4.55 -2.43
C SER A 294 18.31 -5.51 -1.22
N THR A 295 19.37 -5.50 -0.44
CA THR A 295 19.46 -6.27 0.79
C THR A 295 18.43 -5.71 1.81
N ALA A 296 18.42 -4.39 1.97
CA ALA A 296 17.45 -3.74 2.87
C ALA A 296 15.99 -4.01 2.51
N TRP A 297 15.57 -3.84 1.25
CA TRP A 297 14.18 -4.16 0.83
C TRP A 297 13.79 -5.53 1.23
N ASN A 298 14.73 -6.47 1.09
CA ASN A 298 14.41 -7.88 1.27
C ASN A 298 14.57 -8.39 2.72
N LEU A 299 14.90 -7.47 3.62
CA LEU A 299 14.64 -7.67 5.05
C LEU A 299 13.13 -7.68 5.36
N LEU A 300 12.33 -7.24 4.41
CA LEU A 300 10.86 -7.30 4.55
C LEU A 300 10.37 -8.52 3.82
N PRO A 301 9.21 -9.11 4.27
CA PRO A 301 8.80 -10.37 3.65
C PRO A 301 8.23 -10.14 2.24
N PHE A 302 8.60 -11.01 1.32
CA PHE A 302 8.07 -11.04 -0.07
C PHE A 302 6.58 -11.41 -0.03
N SER A 303 5.74 -10.51 -0.53
CA SER A 303 4.30 -10.65 -0.40
C SER A 303 3.58 -9.70 -1.34
N ILE A 304 2.56 -10.23 -2.05
CA ILE A 304 1.59 -9.38 -2.72
C ILE A 304 1.02 -8.25 -1.81
N LEU A 305 1.09 -8.44 -0.48
CA LEU A 305 0.58 -7.48 0.54
C LEU A 305 1.57 -6.36 0.84
N ASN A 306 2.81 -6.60 0.43
CA ASN A 306 3.94 -5.70 0.56
C ASN A 306 4.06 -4.93 -0.76
N ILE A 307 3.55 -3.71 -0.73
CA ILE A 307 3.27 -2.93 -1.93
C ILE A 307 4.52 -2.62 -2.80
N PRO A 308 5.67 -2.25 -2.20
CA PRO A 308 6.92 -2.01 -2.94
C PRO A 308 7.40 -3.20 -3.80
N THR A 309 7.06 -4.43 -3.40
CA THR A 309 7.31 -5.62 -4.24
C THR A 309 6.65 -5.57 -5.63
N TRP A 310 5.64 -4.73 -5.80
CA TRP A 310 4.90 -4.62 -7.08
C TRP A 310 5.69 -3.88 -8.14
N ILE A 311 6.83 -3.29 -7.76
CA ILE A 311 7.77 -2.76 -8.79
C ILE A 311 8.02 -3.80 -9.91
N SER A 312 8.14 -5.07 -9.55
CA SER A 312 8.39 -6.16 -10.53
C SER A 312 7.18 -6.52 -11.41
N HIS A 313 6.05 -5.90 -11.09
CA HIS A 313 4.80 -6.08 -11.79
C HIS A 313 4.59 -5.09 -12.95
N LEU A 314 5.30 -3.97 -12.96
CA LEU A 314 5.06 -2.88 -13.92
C LEU A 314 5.01 -3.34 -15.36
N PRO A 315 3.96 -2.96 -16.09
CA PRO A 315 3.88 -3.44 -17.45
C PRO A 315 5.06 -2.93 -18.35
N THR A 316 5.59 -1.72 -18.15
CA THR A 316 6.74 -1.28 -18.95
C THR A 316 7.95 -2.17 -18.72
N ALA A 317 8.14 -2.67 -17.49
CA ALA A 317 9.26 -3.58 -17.22
C ALA A 317 9.07 -4.93 -17.90
N TYR A 318 7.80 -5.35 -18.00
CA TYR A 318 7.46 -6.52 -18.80
C TYR A 318 7.85 -6.30 -20.28
N GLY A 319 7.35 -5.21 -20.86
CA GLY A 319 7.57 -4.92 -22.29
C GLY A 319 9.05 -4.76 -22.61
N ASP A 320 9.75 -3.99 -21.78
CA ASP A 320 11.14 -3.67 -22.08
C ASP A 320 12.12 -4.85 -21.85
N GLY A 321 12.02 -5.51 -20.69
CA GLY A 321 12.91 -6.62 -20.38
C GLY A 321 12.64 -7.90 -21.15
N MET A 322 11.36 -8.22 -21.37
CA MET A 322 11.03 -9.43 -22.14
C MET A 322 11.21 -9.24 -23.65
N ASN A 323 11.13 -8.00 -24.14
CA ASN A 323 11.55 -7.76 -25.53
C ASN A 323 13.05 -8.05 -25.74
N ARG A 324 13.86 -7.77 -24.72
CA ARG A 324 15.30 -8.09 -24.78
C ARG A 324 15.57 -9.57 -24.70
N ILE A 325 14.67 -10.33 -24.08
CA ILE A 325 14.73 -11.80 -24.14
C ILE A 325 14.52 -12.27 -25.62
N ILE A 326 13.40 -11.82 -26.21
CA ILE A 326 13.07 -12.02 -27.65
C ILE A 326 14.29 -11.70 -28.55
N GLU A 327 14.95 -10.56 -28.30
CA GLU A 327 16.04 -10.11 -29.16
C GLU A 327 17.39 -10.85 -28.90
N SER A 328 17.45 -11.65 -27.85
CA SER A 328 18.71 -12.23 -27.36
C SER A 328 19.36 -13.20 -28.36
N LYS A 329 20.66 -13.05 -28.54
CA LYS A 329 21.44 -14.03 -29.27
C LYS A 329 21.34 -15.42 -28.62
N PHE A 330 20.95 -15.50 -27.37
CA PHE A 330 20.79 -16.79 -26.70
C PHE A 330 19.35 -17.31 -26.74
N TYR A 331 18.43 -16.59 -27.37
CA TYR A 331 16.98 -16.93 -27.29
C TYR A 331 16.65 -18.41 -27.59
N ASP A 332 17.19 -18.92 -28.70
CA ASP A 332 16.92 -20.28 -29.13
C ASP A 332 17.57 -21.39 -28.32
N LEU A 333 18.40 -21.01 -27.35
CA LEU A 333 18.89 -21.97 -26.34
C LEU A 333 17.89 -22.21 -25.20
N THR A 334 16.93 -21.30 -25.05
CA THR A 334 16.02 -21.26 -23.88
C THR A 334 14.78 -22.09 -24.14
N SER A 335 14.20 -22.57 -23.04
CA SER A 335 12.90 -23.18 -23.09
C SER A 335 12.07 -22.58 -21.93
N LYS A 336 10.82 -23.03 -21.84
CA LYS A 336 9.79 -22.46 -20.98
C LYS A 336 10.25 -22.17 -19.54
N ASP A 337 10.99 -23.10 -18.95
CA ASP A 337 11.46 -22.91 -17.59
C ASP A 337 12.98 -22.64 -17.41
N SER A 338 13.64 -22.13 -18.45
CA SER A 338 15.01 -21.63 -18.33
C SER A 338 15.07 -20.49 -17.25
N THR A 339 16.13 -20.49 -16.45
CA THR A 339 16.43 -19.37 -15.56
C THR A 339 16.99 -18.20 -16.38
N ILE A 340 16.27 -17.10 -16.43
CA ILE A 340 16.71 -15.92 -17.18
C ILE A 340 16.62 -14.72 -16.24
N ILE A 341 17.73 -14.02 -16.10
CA ILE A 341 17.86 -12.83 -15.25
C ILE A 341 17.92 -11.63 -16.18
N VAL A 342 16.90 -10.79 -16.11
CA VAL A 342 16.76 -9.65 -17.02
C VAL A 342 17.24 -8.42 -16.28
N ALA A 343 18.27 -7.73 -16.80
CA ALA A 343 18.74 -6.47 -16.20
C ALA A 343 17.71 -5.34 -16.26
N ASN A 344 17.16 -4.99 -15.11
CA ASN A 344 16.07 -3.99 -15.06
C ASN A 344 16.36 -2.94 -13.97
N LEU A 345 17.62 -2.59 -13.78
CA LEU A 345 18.06 -1.63 -12.75
C LEU A 345 17.78 -0.18 -13.15
N SER A 346 17.58 0.70 -12.17
CA SER A 346 17.51 2.13 -12.44
C SER A 346 18.88 2.65 -12.91
N ASP A 347 18.91 3.84 -13.47
CA ASP A 347 20.21 4.47 -13.79
C ASP A 347 21.17 4.53 -12.57
N PRO A 348 20.74 5.08 -11.40
CA PRO A 348 21.74 5.03 -10.31
C PRO A 348 22.16 3.66 -9.81
N ALA A 349 21.23 2.67 -9.80
CA ALA A 349 21.61 1.34 -9.32
C ALA A 349 22.53 0.58 -10.31
N ARG A 350 22.28 0.76 -11.61
CA ARG A 350 23.11 0.18 -12.67
C ARG A 350 24.63 0.52 -12.54
N ALA A 351 24.95 1.74 -12.08
CA ALA A 351 26.32 2.14 -11.84
C ALA A 351 27.10 1.31 -10.81
N ASN A 352 26.43 0.67 -9.87
CA ASN A 352 27.15 0.04 -8.77
C ASN A 352 26.59 -1.30 -8.30
N THR A 353 25.70 -1.87 -9.11
CA THR A 353 25.07 -3.10 -8.74
C THR A 353 25.35 -4.14 -9.84
N TRP A 354 25.82 -5.29 -9.40
CA TRP A 354 26.08 -6.48 -10.25
C TRP A 354 24.79 -7.24 -10.47
N VAL A 355 24.41 -7.37 -11.74
CA VAL A 355 23.22 -8.15 -12.15
C VAL A 355 23.67 -9.59 -12.01
N GLN A 356 22.93 -10.36 -11.23
CA GLN A 356 23.31 -11.74 -10.93
C GLN A 356 22.11 -12.54 -10.44
N ASP A 357 22.24 -13.87 -10.47
CA ASP A 357 21.17 -14.69 -10.00
C ASP A 357 21.28 -14.82 -8.48
N LEU A 358 20.58 -13.95 -7.76
CA LEU A 358 20.56 -14.01 -6.31
C LEU A 358 19.66 -15.18 -5.85
N ASN A 359 18.76 -15.63 -6.74
CA ASN A 359 17.82 -16.70 -6.40
C ASN A 359 16.94 -16.31 -5.17
N ARG A 360 16.80 -15.01 -4.97
CA ARG A 360 15.93 -14.48 -3.92
C ARG A 360 14.44 -14.87 -4.09
N ASN A 361 13.82 -15.25 -2.97
CA ASN A 361 12.40 -15.46 -2.87
C ASN A 361 11.86 -16.29 -4.01
N ALA A 362 12.48 -17.47 -4.20
CA ALA A 362 12.17 -18.34 -5.32
C ALA A 362 12.69 -19.72 -4.95
N GLU A 363 12.08 -20.76 -5.53
CA GLU A 363 12.59 -22.12 -5.45
C GLU A 363 13.97 -22.20 -6.16
N THR A 364 14.75 -23.23 -5.84
CA THR A 364 16.15 -23.31 -6.26
C THR A 364 16.23 -23.38 -7.78
N HIS A 365 17.01 -22.50 -8.39
CA HIS A 365 17.18 -22.53 -9.84
C HIS A 365 18.07 -23.71 -10.27
N LYS A 366 17.75 -24.39 -11.35
CA LYS A 366 18.55 -25.51 -11.84
C LYS A 366 18.96 -25.27 -13.30
N GLY A 367 20.04 -25.89 -13.74
CA GLY A 367 20.49 -25.78 -15.13
C GLY A 367 21.17 -24.47 -15.41
N SER A 368 21.39 -24.21 -16.68
CA SER A 368 22.14 -23.03 -17.08
C SER A 368 21.39 -21.71 -16.85
N THR A 369 22.15 -20.65 -16.71
CA THR A 369 21.55 -19.37 -16.42
C THR A 369 21.85 -18.41 -17.53
N PHE A 370 20.80 -17.72 -17.95
CA PHE A 370 20.93 -16.68 -18.99
C PHE A 370 20.78 -15.31 -18.35
N ILE A 371 21.78 -14.47 -18.55
CA ILE A 371 21.72 -13.11 -18.01
C ILE A 371 21.76 -12.08 -19.13
N ILE A 372 20.71 -11.27 -19.19
CA ILE A 372 20.46 -10.37 -20.31
C ILE A 372 20.64 -8.95 -19.87
N GLY A 373 21.62 -8.29 -20.48
CA GLY A 373 21.93 -6.89 -20.16
C GLY A 373 20.98 -5.84 -20.71
N SER A 374 21.31 -4.59 -20.42
CA SER A 374 20.63 -3.44 -20.99
C SER A 374 21.48 -2.85 -22.11
N ASP A 375 20.91 -1.87 -22.82
CA ASP A 375 21.69 -1.21 -23.86
C ASP A 375 22.56 -0.12 -23.22
N SER A 376 22.67 -0.10 -21.89
CA SER A 376 23.57 0.81 -21.20
C SER A 376 24.73 0.03 -20.58
N ASN A 377 25.65 0.73 -19.93
CA ASN A 377 26.80 0.11 -19.23
C ASN A 377 26.35 -0.74 -18.04
N ASP A 378 26.53 -2.06 -18.14
CA ASP A 378 26.11 -3.03 -17.07
C ASP A 378 27.27 -3.71 -16.41
N LEU A 379 27.08 -4.05 -15.14
CA LEU A 379 27.93 -4.91 -14.36
C LEU A 379 27.17 -6.27 -14.27
N ILE A 380 27.68 -7.30 -14.93
CA ILE A 380 27.02 -8.61 -14.99
C ILE A 380 27.88 -9.70 -14.32
N GLN A 381 27.30 -10.38 -13.34
CA GLN A 381 28.05 -11.38 -12.58
C GLN A 381 27.38 -12.74 -12.78
N GLY A 382 28.07 -13.63 -13.52
CA GLY A 382 27.72 -15.02 -13.67
C GLY A 382 27.99 -15.86 -12.42
N GLY A 383 27.23 -16.93 -12.26
CA GLY A 383 27.44 -17.82 -11.12
C GLY A 383 28.58 -18.82 -11.35
N SER A 384 28.80 -19.69 -10.36
CA SER A 384 29.78 -20.73 -10.47
C SER A 384 29.33 -21.92 -11.31
N GLY A 385 28.05 -21.97 -11.69
CA GLY A 385 27.61 -22.97 -12.66
C GLY A 385 27.76 -22.48 -14.09
N ASN A 386 26.89 -22.94 -14.98
CA ASN A 386 26.99 -22.56 -16.41
C ASN A 386 26.15 -21.34 -16.79
N ASP A 387 26.80 -20.35 -17.43
CA ASP A 387 26.16 -19.03 -17.70
C ASP A 387 26.22 -18.58 -19.16
N TYR A 388 25.18 -17.90 -19.60
CA TYR A 388 25.17 -17.20 -20.89
C TYR A 388 24.95 -15.75 -20.54
N LEU A 389 26.01 -14.95 -20.70
CA LEU A 389 25.99 -13.53 -20.31
C LEU A 389 25.93 -12.64 -21.54
N GLU A 390 24.91 -11.78 -21.65
CA GLU A 390 24.81 -10.92 -22.81
C GLU A 390 24.81 -9.45 -22.40
N GLY A 391 25.84 -8.76 -22.86
CA GLY A 391 26.01 -7.35 -22.62
C GLY A 391 25.06 -6.42 -23.34
N ARG A 392 24.74 -6.72 -24.57
CA ARG A 392 24.11 -5.78 -25.47
C ARG A 392 24.99 -4.52 -25.64
N ALA A 393 24.38 -3.41 -26.05
CA ALA A 393 25.05 -2.15 -26.18
C ALA A 393 25.64 -1.55 -24.87
N GLY A 394 26.50 -0.56 -24.97
CA GLY A 394 27.12 0.04 -23.75
C GLY A 394 28.41 -0.66 -23.38
N ASN A 395 29.22 -0.02 -22.55
CA ASN A 395 30.45 -0.62 -22.09
C ASN A 395 30.22 -1.54 -20.89
N ASP A 396 30.20 -2.84 -21.13
CA ASP A 396 29.83 -3.80 -20.09
C ASP A 396 31.02 -4.46 -19.45
N THR A 397 30.88 -4.73 -18.15
CA THR A 397 31.89 -5.45 -17.40
C THR A 397 31.30 -6.70 -16.87
N PHE A 398 31.99 -7.82 -17.15
CA PHE A 398 31.58 -9.17 -16.71
C PHE A 398 32.46 -9.76 -15.61
N ARG A 399 31.83 -10.48 -14.68
CA ARG A 399 32.53 -11.42 -13.79
C ARG A 399 31.77 -12.73 -13.88
N ASP A 400 32.41 -13.82 -13.53
CA ASP A 400 31.73 -15.11 -13.54
C ASP A 400 32.49 -16.04 -12.62
N GLY A 401 31.75 -16.81 -11.83
CA GLY A 401 32.31 -17.61 -10.72
C GLY A 401 32.84 -18.98 -11.12
N GLY A 402 32.67 -19.38 -12.38
CA GLY A 402 33.22 -20.65 -12.82
C GLY A 402 32.35 -21.40 -13.79
N GLY A 403 32.63 -22.69 -14.00
CA GLY A 403 31.86 -23.51 -14.93
C GLY A 403 32.12 -23.15 -16.37
N TYR A 404 31.10 -23.40 -17.19
CA TYR A 404 31.17 -23.32 -18.63
C TYR A 404 30.21 -22.25 -19.12
N ASN A 405 30.74 -21.26 -19.83
CA ASN A 405 30.04 -19.99 -20.08
C ASN A 405 30.23 -19.47 -21.49
N VAL A 406 29.22 -18.75 -21.98
CA VAL A 406 29.36 -17.93 -23.17
C VAL A 406 29.13 -16.46 -22.75
N ILE A 407 30.11 -15.60 -23.03
CA ILE A 407 30.08 -14.16 -22.66
C ILE A 407 30.09 -13.30 -23.91
N LEU A 408 28.96 -12.65 -24.23
CA LEU A 408 28.87 -11.81 -25.44
C LEU A 408 28.93 -10.37 -25.01
N GLY A 409 30.08 -9.74 -25.25
CA GLY A 409 30.21 -8.30 -25.00
C GLY A 409 29.20 -7.40 -25.70
N GLY A 410 28.83 -7.69 -26.93
CA GLY A 410 28.05 -6.77 -27.76
C GLY A 410 28.85 -5.57 -28.21
N ALA A 411 28.15 -4.56 -28.72
CA ALA A 411 28.67 -3.24 -29.03
C ALA A 411 29.39 -2.68 -27.81
N GLY A 412 30.23 -1.67 -27.99
CA GLY A 412 30.96 -1.04 -26.89
C GLY A 412 32.34 -1.63 -26.60
N ASN A 413 32.96 -1.07 -25.57
CA ASN A 413 34.21 -1.50 -25.01
C ASN A 413 33.96 -2.27 -23.72
N ASN A 414 34.04 -3.60 -23.85
CA ASN A 414 33.60 -4.51 -22.84
C ASN A 414 34.80 -5.15 -22.19
N THR A 415 34.59 -5.66 -20.99
CA THR A 415 35.70 -6.01 -20.10
C THR A 415 35.28 -7.25 -19.33
N LEU A 416 36.16 -8.24 -19.31
CA LEU A 416 35.97 -9.42 -18.46
C LEU A 416 36.96 -9.37 -17.27
N ASP A 417 36.40 -9.33 -16.07
CA ASP A 417 37.19 -9.26 -14.86
C ASP A 417 37.29 -10.66 -14.23
N LEU A 418 38.44 -11.29 -14.40
CA LEU A 418 38.70 -12.58 -13.82
C LEU A 418 38.98 -12.58 -12.28
N GLN A 419 39.39 -11.42 -11.72
CA GLN A 419 39.54 -11.29 -10.23
C GLN A 419 40.60 -12.23 -9.64
N LYS A 420 41.46 -12.75 -10.49
CA LYS A 420 42.51 -13.68 -10.09
C LYS A 420 43.68 -13.46 -11.03
N SER A 421 44.82 -14.09 -10.74
CA SER A 421 46.02 -14.00 -11.59
C SER A 421 45.83 -14.61 -12.95
N VAL A 422 46.37 -13.92 -13.96
CA VAL A 422 46.47 -14.38 -15.34
C VAL A 422 47.14 -15.76 -15.40
N ASN A 423 47.99 -16.08 -14.40
CA ASN A 423 48.72 -17.34 -14.39
C ASN A 423 47.83 -18.54 -14.07
N THR A 424 46.61 -18.30 -13.58
CA THR A 424 45.72 -19.39 -13.23
C THR A 424 44.77 -19.75 -14.40
N PHE A 425 44.95 -19.13 -15.57
CA PHE A 425 44.07 -19.35 -16.73
C PHE A 425 44.88 -19.71 -17.99
N ASP A 426 44.22 -20.38 -18.93
CA ASP A 426 44.73 -20.56 -20.29
C ASP A 426 43.89 -19.79 -21.27
N PHE A 427 44.53 -19.18 -22.26
CA PHE A 427 43.80 -18.37 -23.25
C PHE A 427 44.09 -18.90 -24.62
N ALA A 428 43.09 -18.92 -25.50
CA ALA A 428 43.19 -19.38 -26.89
C ALA A 428 42.28 -18.51 -27.76
N ASN A 429 42.64 -18.29 -29.00
CA ASN A 429 41.89 -17.41 -29.85
C ASN A 429 41.84 -18.07 -31.23
N ASP A 430 40.68 -18.13 -31.87
CA ASP A 430 40.57 -18.88 -33.12
C ASP A 430 40.79 -18.00 -34.34
N GLY A 431 41.00 -16.72 -34.10
CA GLY A 431 41.19 -15.74 -35.15
C GLY A 431 39.92 -15.30 -35.81
N ALA A 432 38.79 -15.87 -35.38
CA ALA A 432 37.46 -15.54 -35.90
C ALA A 432 36.52 -14.89 -34.82
N GLY A 433 37.12 -14.23 -33.83
CA GLY A 433 36.33 -13.42 -32.90
C GLY A 433 36.07 -14.09 -31.59
N ASN A 434 36.49 -15.35 -31.45
CA ASN A 434 36.29 -16.08 -30.18
C ASN A 434 37.55 -16.16 -29.34
N LEU A 435 37.49 -15.56 -28.15
CA LEU A 435 38.51 -15.73 -27.12
C LEU A 435 38.04 -16.75 -26.11
N TYR A 436 38.79 -17.86 -26.00
CA TYR A 436 38.52 -18.95 -25.06
C TYR A 436 39.36 -18.72 -23.79
N VAL A 437 38.68 -18.80 -22.66
CA VAL A 437 39.28 -18.67 -21.36
C VAL A 437 39.06 -19.96 -20.59
N ARG A 438 40.14 -20.62 -20.23
CA ARG A 438 40.01 -21.86 -19.50
C ARG A 438 40.59 -21.63 -18.10
N ASP A 439 39.77 -21.86 -17.07
CA ASP A 439 40.19 -21.66 -15.71
C ASP A 439 40.98 -22.86 -15.15
N ALA A 440 41.55 -22.68 -13.95
CA ALA A 440 42.39 -23.67 -13.26
C ALA A 440 41.64 -24.97 -12.95
N ASN A 441 40.31 -24.94 -12.98
CA ASN A 441 39.49 -26.15 -12.80
C ASN A 441 38.96 -26.78 -14.12
N GLY A 442 39.37 -26.22 -15.26
CA GLY A 442 38.95 -26.76 -16.57
C GLY A 442 37.69 -26.12 -17.16
N GLY A 443 37.02 -25.21 -16.43
CA GLY A 443 35.82 -24.55 -16.93
C GLY A 443 36.21 -23.64 -18.09
N ILE A 444 35.43 -23.66 -19.18
CA ILE A 444 35.70 -22.86 -20.37
C ILE A 444 34.64 -21.78 -20.60
N SER A 445 35.08 -20.54 -20.70
CA SER A 445 34.26 -19.45 -21.28
C SER A 445 34.62 -19.16 -22.74
N ILE A 446 33.61 -19.12 -23.60
CA ILE A 446 33.78 -18.63 -24.96
C ILE A 446 33.32 -17.18 -24.94
N THR A 447 34.23 -16.27 -25.30
CA THR A 447 33.91 -14.85 -25.23
C THR A 447 33.98 -14.23 -26.63
N ARG A 448 33.08 -13.29 -26.91
CA ARG A 448 33.11 -12.46 -28.12
C ARG A 448 32.98 -10.98 -27.69
N ASP A 449 33.64 -10.11 -28.46
CA ASP A 449 33.53 -8.65 -28.29
C ASP A 449 33.90 -8.14 -26.91
N ILE A 450 34.86 -8.83 -26.28
CA ILE A 450 35.47 -8.37 -25.06
C ILE A 450 36.94 -8.14 -25.32
N GLY A 451 37.32 -6.87 -25.37
CA GLY A 451 38.67 -6.44 -25.76
C GLY A 451 39.62 -6.25 -24.60
N SER A 452 39.10 -6.28 -23.37
CA SER A 452 39.89 -6.09 -22.17
C SER A 452 39.64 -7.20 -21.12
N ILE A 453 40.73 -7.75 -20.62
CA ILE A 453 40.71 -8.71 -19.52
C ILE A 453 41.37 -8.05 -18.32
N VAL A 454 40.72 -8.16 -17.16
CA VAL A 454 41.28 -7.62 -15.94
C VAL A 454 41.69 -8.82 -15.10
N THR A 455 42.92 -8.77 -14.57
CA THR A 455 43.40 -9.79 -13.62
C THR A 455 43.95 -9.15 -12.31
N LYS A 456 44.09 -9.95 -11.25
CA LYS A 456 44.74 -9.52 -10.02
C LYS A 456 46.16 -10.09 -9.93
N GLU A 457 47.15 -9.21 -9.88
CA GLU A 457 48.56 -9.65 -9.80
C GLU A 457 49.19 -9.11 -8.50
N PRO A 458 49.13 -9.88 -7.39
CA PRO A 458 49.79 -9.46 -6.12
C PRO A 458 51.32 -9.38 -6.19
N ASP A 467 45.23 -4.57 -6.80
CA ASP A 467 46.15 -5.42 -7.56
C ASP A 467 45.75 -5.64 -9.06
N ASP A 468 44.97 -4.72 -9.62
CA ASP A 468 44.34 -4.87 -10.93
C ASP A 468 45.25 -4.52 -12.13
N VAL A 469 45.25 -5.41 -13.12
CA VAL A 469 46.04 -5.25 -14.32
C VAL A 469 45.07 -5.47 -15.50
N THR A 470 45.09 -4.56 -16.47
CA THR A 470 44.26 -4.66 -17.66
C THR A 470 45.01 -5.13 -18.91
N HIS A 471 44.56 -6.24 -19.51
CA HIS A 471 45.19 -6.81 -20.75
C HIS A 471 44.29 -6.53 -21.95
N SER A 472 44.88 -6.03 -23.05
CA SER A 472 44.22 -5.90 -24.35
C SER A 472 44.18 -7.25 -25.06
N VAL A 473 43.03 -7.60 -25.62
CA VAL A 473 42.90 -8.89 -26.33
C VAL A 473 43.37 -8.59 -27.74
N THR A 474 44.44 -9.25 -28.16
CA THR A 474 44.99 -9.04 -29.52
C THR A 474 45.26 -10.36 -30.18
N ALA A 475 45.57 -10.31 -31.47
CA ALA A 475 45.86 -11.51 -32.26
C ALA A 475 47.11 -12.27 -31.81
N SER A 476 48.07 -11.56 -31.24
CA SER A 476 49.31 -12.20 -30.68
C SER A 476 49.26 -12.64 -29.19
N GLY A 477 48.16 -12.40 -28.51
CA GLY A 477 48.06 -12.74 -27.07
C GLY A 477 47.34 -11.66 -26.27
N LEU A 478 47.33 -11.78 -24.94
CA LEU A 478 46.91 -10.68 -24.07
C LEU A 478 48.10 -9.72 -23.78
N LYS A 479 47.87 -8.42 -23.98
CA LYS A 479 48.96 -7.47 -23.92
C LYS A 479 48.75 -6.45 -22.83
N VAL A 480 49.80 -6.24 -22.05
CA VAL A 480 49.87 -5.10 -21.14
C VAL A 480 51.03 -4.29 -21.73
N GLY A 481 50.68 -3.23 -22.45
CA GLY A 481 51.61 -2.53 -23.31
C GLY A 481 52.24 -3.49 -24.28
N SER A 482 53.53 -3.69 -24.07
CA SER A 482 54.43 -4.53 -24.86
C SER A 482 54.52 -5.95 -24.32
N ASN A 483 53.98 -6.15 -23.13
CA ASN A 483 54.13 -7.40 -22.40
C ASN A 483 53.06 -8.38 -22.82
N VAL A 484 53.45 -9.59 -23.23
CA VAL A 484 52.52 -10.57 -23.80
C VAL A 484 52.33 -11.80 -22.90
N THR A 485 51.05 -12.10 -22.62
CA THR A 485 50.64 -13.43 -22.16
C THR A 485 50.22 -14.19 -23.42
N GLN A 486 50.98 -15.21 -23.77
CA GLN A 486 50.71 -15.97 -24.96
C GLN A 486 49.48 -16.86 -24.87
N TYR A 487 48.78 -16.94 -25.99
CA TYR A 487 47.74 -17.93 -26.18
C TYR A 487 48.34 -19.33 -26.16
N ASP A 488 47.55 -20.31 -25.72
CA ASP A 488 47.97 -21.70 -25.84
C ASP A 488 48.29 -22.06 -27.36
N ALA A 489 49.28 -22.92 -27.63
CA ALA A 489 49.59 -23.49 -28.94
C ALA A 489 48.30 -23.92 -29.62
N SER A 490 48.15 -23.47 -30.87
CA SER A 490 46.94 -23.67 -31.66
C SER A 490 47.28 -23.91 -33.13
N VAL A 491 46.42 -24.64 -33.84
CA VAL A 491 46.47 -24.63 -35.32
C VAL A 491 45.12 -24.08 -35.75
N LYS A 492 45.16 -22.93 -36.43
CA LYS A 492 43.94 -22.27 -36.90
C LYS A 492 43.66 -22.78 -38.33
N GLY A 493 42.42 -23.14 -38.60
CA GLY A 493 42.02 -23.43 -39.98
C GLY A 493 41.49 -22.19 -40.68
N THR A 494 40.68 -22.43 -41.69
CA THR A 494 40.05 -21.40 -42.52
C THR A 494 38.55 -21.76 -42.54
N ASN A 495 37.73 -20.89 -43.13
CA ASN A 495 36.36 -21.24 -43.46
C ASN A 495 36.21 -22.23 -44.65
N GLY A 496 37.33 -22.61 -45.23
CA GLY A 496 37.39 -23.71 -46.18
C GLY A 496 37.51 -25.03 -45.43
N ALA A 497 37.46 -26.15 -46.15
CA ALA A 497 37.75 -27.46 -45.60
C ALA A 497 39.24 -27.59 -45.36
N ASP A 498 39.64 -27.86 -44.10
CA ASP A 498 41.07 -27.99 -43.74
C ASP A 498 41.42 -29.36 -43.20
N THR A 499 42.68 -29.72 -43.34
CA THR A 499 43.26 -30.80 -42.51
C THR A 499 44.22 -30.12 -41.55
N LEU A 500 43.99 -30.30 -40.24
CA LEU A 500 44.87 -29.67 -39.25
C LEU A 500 45.50 -30.73 -38.36
N LYS A 501 46.81 -30.64 -38.14
CA LYS A 501 47.49 -31.61 -37.31
C LYS A 501 48.15 -30.95 -36.07
N ALA A 502 47.88 -31.54 -34.93
CA ALA A 502 48.45 -31.13 -33.66
C ALA A 502 49.91 -31.59 -33.54
N HIS A 503 50.70 -30.77 -32.87
CA HIS A 503 52.07 -31.13 -32.46
C HIS A 503 51.96 -32.07 -31.28
N ALA A 504 53.03 -32.80 -31.04
CA ALA A 504 53.03 -33.79 -29.97
C ALA A 504 52.78 -33.16 -28.58
N GLY A 505 53.10 -31.86 -28.44
CA GLY A 505 52.88 -31.13 -27.18
C GLY A 505 51.43 -30.80 -26.83
N GLY A 506 50.52 -31.01 -27.78
CA GLY A 506 49.11 -30.68 -27.59
C GLY A 506 48.80 -29.34 -28.24
N ASP A 507 47.65 -29.25 -28.89
CA ASP A 507 47.21 -27.98 -29.50
C ASP A 507 45.71 -27.82 -29.38
N TRP A 508 45.31 -26.56 -29.43
CA TRP A 508 43.95 -26.17 -29.71
C TRP A 508 43.82 -26.21 -31.23
N LEU A 509 42.78 -26.90 -31.71
CA LEU A 509 42.59 -27.09 -33.13
C LEU A 509 41.27 -26.42 -33.48
N PHE A 510 41.34 -25.42 -34.35
CA PHE A 510 40.17 -24.66 -34.72
C PHE A 510 39.81 -24.85 -36.20
N GLY A 511 38.89 -25.74 -36.47
CA GLY A 511 38.24 -25.87 -37.74
C GLY A 511 37.75 -24.65 -38.41
N LEU A 512 36.96 -23.85 -37.73
CA LEU A 512 36.11 -22.86 -38.31
C LEU A 512 35.13 -23.53 -39.26
N ASP A 513 34.57 -22.78 -40.20
CA ASP A 513 33.61 -23.34 -41.15
C ASP A 513 34.19 -24.52 -41.95
N GLY A 514 33.30 -25.36 -42.47
CA GLY A 514 33.65 -26.26 -43.53
C GLY A 514 33.82 -27.61 -42.87
N ASN A 515 33.86 -28.66 -43.64
CA ASN A 515 34.07 -29.97 -43.11
C ASN A 515 35.54 -30.29 -42.90
N ASP A 516 36.03 -30.23 -41.68
CA ASP A 516 37.46 -30.27 -41.42
C ASP A 516 37.89 -31.62 -40.86
N HIS A 517 39.15 -31.95 -41.08
CA HIS A 517 39.73 -33.14 -40.50
C HIS A 517 40.73 -32.62 -39.44
N LEU A 518 40.44 -32.83 -38.17
CA LEU A 518 41.35 -32.39 -37.08
C LEU A 518 42.10 -33.61 -36.57
N ILE A 519 43.43 -33.59 -36.73
CA ILE A 519 44.23 -34.73 -36.33
C ILE A 519 45.01 -34.44 -35.03
N GLY A 520 44.50 -34.94 -33.91
CA GLY A 520 45.16 -34.75 -32.62
C GLY A 520 46.50 -35.48 -32.58
N GLY A 521 47.38 -35.14 -31.64
CA GLY A 521 48.56 -35.96 -31.43
C GLY A 521 48.54 -36.60 -30.06
N VAL A 522 49.69 -37.09 -29.63
CA VAL A 522 49.77 -37.80 -28.34
C VAL A 522 49.57 -36.87 -27.13
N GLY A 523 49.61 -35.55 -27.34
CA GLY A 523 49.37 -34.58 -26.27
C GLY A 523 47.89 -34.31 -26.02
N ASN A 524 47.65 -33.45 -25.05
CA ASN A 524 46.32 -33.00 -24.68
C ASN A 524 45.86 -31.89 -25.62
N ASP A 525 44.96 -32.23 -26.55
CA ASP A 525 44.49 -31.28 -27.54
C ASP A 525 43.11 -30.79 -27.16
N VAL A 526 42.75 -29.62 -27.66
CA VAL A 526 41.40 -29.11 -27.51
C VAL A 526 40.80 -28.95 -28.92
N PHE A 527 39.78 -29.73 -29.24
CA PHE A 527 39.27 -29.79 -30.61
C PHE A 527 38.05 -28.86 -30.74
N VAL A 528 38.07 -27.95 -31.69
CA VAL A 528 36.93 -27.06 -31.94
C VAL A 528 36.61 -27.17 -33.46
N GLY A 529 35.75 -28.12 -33.79
CA GLY A 529 35.50 -28.44 -35.21
C GLY A 529 34.88 -27.26 -35.87
N GLY A 530 34.07 -26.52 -35.09
CA GLY A 530 33.34 -25.36 -35.57
C GLY A 530 32.19 -25.83 -36.41
N ALA A 531 31.61 -24.90 -37.17
CA ALA A 531 30.50 -25.21 -38.05
C ALA A 531 30.94 -26.28 -39.07
N GLY A 532 30.00 -26.99 -39.69
CA GLY A 532 30.33 -28.02 -40.69
C GLY A 532 30.53 -29.39 -40.05
N ASN A 533 30.62 -30.44 -40.86
CA ASN A 533 30.69 -31.80 -40.35
C ASN A 533 32.13 -32.23 -40.24
N ASP A 534 32.66 -32.26 -39.02
CA ASP A 534 34.10 -32.46 -38.80
C ASP A 534 34.51 -33.86 -38.35
N LEU A 535 35.69 -34.31 -38.80
CA LEU A 535 36.23 -35.58 -38.33
C LEU A 535 37.38 -35.24 -37.41
N MET A 536 37.31 -35.72 -36.19
CA MET A 536 38.30 -35.31 -35.20
C MET A 536 38.91 -36.53 -34.54
N GLU A 537 40.24 -36.65 -34.66
CA GLU A 537 40.93 -37.84 -34.16
C GLU A 537 41.76 -37.51 -32.96
N SER A 538 41.53 -38.24 -31.88
CA SER A 538 42.25 -38.03 -30.63
C SER A 538 43.79 -38.05 -30.73
N GLY A 539 44.35 -39.12 -31.31
CA GLY A 539 45.79 -39.29 -31.34
C GLY A 539 46.41 -39.70 -29.99
N GLY A 540 45.61 -39.86 -28.95
CA GLY A 540 46.09 -40.12 -27.58
C GLY A 540 46.03 -38.91 -26.64
N GLY A 541 46.43 -39.10 -25.38
CA GLY A 541 46.39 -38.03 -24.40
C GLY A 541 45.00 -37.87 -23.80
N ALA A 542 44.83 -36.80 -23.05
CA ALA A 542 43.61 -36.45 -22.35
C ALA A 542 43.07 -35.19 -23.08
N ASP A 543 42.10 -35.42 -23.96
CA ASP A 543 41.66 -34.46 -24.96
C ASP A 543 40.33 -33.84 -24.58
N THR A 544 40.06 -32.63 -25.04
CA THR A 544 38.76 -31.98 -24.85
C THR A 544 38.17 -31.72 -26.22
N PHE A 545 36.89 -32.06 -26.40
CA PHE A 545 36.19 -31.73 -27.65
C PHE A 545 35.05 -30.72 -27.34
N LEU A 546 35.08 -29.58 -28.01
CA LEU A 546 34.18 -28.48 -27.67
C LEU A 546 33.19 -28.26 -28.79
N PHE A 547 31.91 -28.25 -28.44
CA PHE A 547 30.79 -28.06 -29.39
C PHE A 547 29.89 -26.92 -28.94
N ASN A 548 29.69 -25.99 -29.86
CA ASN A 548 29.00 -24.76 -29.60
C ASN A 548 28.20 -24.33 -30.84
N GLY A 549 27.03 -23.71 -30.62
CA GLY A 549 26.19 -23.24 -31.72
C GLY A 549 25.71 -24.40 -32.61
N ALA A 550 25.59 -24.16 -33.90
CA ALA A 550 25.05 -25.14 -34.83
C ALA A 550 26.27 -25.90 -35.35
N PHE A 551 26.78 -26.78 -34.51
CA PHE A 551 28.08 -27.40 -34.72
C PHE A 551 28.14 -28.51 -35.80
N GLY A 552 27.00 -28.91 -36.36
CA GLY A 552 26.96 -29.90 -37.48
C GLY A 552 26.86 -31.35 -37.03
N GLN A 553 27.19 -32.29 -37.91
CA GLN A 553 27.30 -33.70 -37.55
C GLN A 553 28.76 -34.13 -37.54
N ASP A 554 29.29 -34.30 -36.33
CA ASP A 554 30.71 -34.56 -36.11
C ASP A 554 30.93 -36.04 -35.79
N ARG A 555 32.15 -36.49 -36.10
CA ARG A 555 32.62 -37.85 -35.75
C ARG A 555 33.89 -37.72 -34.93
N VAL A 556 33.95 -38.42 -33.81
CA VAL A 556 35.15 -38.38 -32.96
C VAL A 556 35.78 -39.77 -32.96
N VAL A 557 37.04 -39.86 -33.39
CA VAL A 557 37.82 -41.11 -33.35
C VAL A 557 38.77 -41.12 -32.15
N GLY A 558 38.85 -42.26 -31.44
CA GLY A 558 39.91 -42.48 -30.43
C GLY A 558 39.57 -41.89 -29.08
N PHE A 559 38.27 -41.69 -28.84
CA PHE A 559 37.79 -41.10 -27.59
C PHE A 559 37.92 -42.16 -26.53
N THR A 560 38.58 -41.79 -25.44
CA THR A 560 38.72 -42.72 -24.32
C THR A 560 38.28 -42.11 -22.99
N SER A 561 38.55 -42.89 -21.96
CA SER A 561 38.23 -42.67 -20.56
C SER A 561 38.59 -41.29 -19.95
N ASN A 562 39.75 -40.77 -20.31
CA ASN A 562 40.24 -39.49 -19.78
C ASN A 562 39.99 -38.28 -20.71
N ASP A 563 39.13 -38.46 -21.71
CA ASP A 563 38.71 -37.39 -22.63
C ASP A 563 37.39 -36.76 -22.19
N LYS A 564 37.13 -35.52 -22.61
CA LYS A 564 35.99 -34.71 -22.12
C LYS A 564 35.28 -34.21 -23.37
N LEU A 565 33.96 -34.30 -23.37
CA LEU A 565 33.14 -33.56 -24.32
C LEU A 565 32.52 -32.37 -23.58
N VAL A 566 32.45 -31.23 -24.27
CA VAL A 566 31.82 -30.05 -23.70
C VAL A 566 30.79 -29.52 -24.69
N PHE A 567 29.53 -29.47 -24.26
CA PHE A 567 28.49 -28.88 -25.09
C PHE A 567 28.00 -27.60 -24.42
N LEU A 568 28.08 -26.51 -25.19
CA LEU A 568 27.91 -25.19 -24.67
C LEU A 568 27.28 -24.29 -25.74
N GLY A 569 26.13 -23.72 -25.42
CA GLY A 569 25.42 -22.93 -26.42
C GLY A 569 24.88 -23.84 -27.54
N VAL A 570 24.37 -25.01 -27.17
CA VAL A 570 23.81 -25.95 -28.16
C VAL A 570 22.33 -26.10 -27.99
N GLN A 571 21.66 -26.51 -29.06
CA GLN A 571 20.20 -26.74 -29.06
C GLN A 571 19.70 -27.86 -28.19
N GLY A 572 18.51 -27.62 -27.64
CA GLY A 572 17.67 -28.67 -27.10
C GLY A 572 18.13 -29.18 -25.76
N VAL A 573 18.82 -28.32 -25.00
CA VAL A 573 19.21 -28.65 -23.63
C VAL A 573 18.17 -28.13 -22.63
N LEU A 574 17.42 -29.05 -22.02
CA LEU A 574 16.42 -28.66 -21.03
C LEU A 574 17.11 -28.40 -19.69
N PRO A 575 16.55 -27.48 -18.88
CA PRO A 575 17.23 -27.16 -17.62
C PRO A 575 17.68 -28.46 -16.94
N ASN A 576 18.98 -28.53 -16.67
CA ASN A 576 19.60 -29.67 -15.99
C ASN A 576 19.74 -31.01 -16.77
N ASP A 577 19.49 -30.99 -18.10
CA ASP A 577 19.74 -32.19 -18.94
C ASP A 577 21.15 -32.69 -18.65
N ASP A 578 21.30 -34.00 -18.53
CA ASP A 578 22.63 -34.59 -18.70
C ASP A 578 22.75 -35.33 -20.04
N PHE A 579 23.88 -36.01 -20.24
CA PHE A 579 24.15 -36.63 -21.53
C PHE A 579 23.19 -37.77 -21.90
N ARG A 580 22.64 -38.46 -20.89
CA ARG A 580 21.71 -39.57 -21.12
C ARG A 580 20.41 -39.13 -21.79
N ALA A 581 19.96 -37.90 -21.50
CA ALA A 581 18.84 -37.34 -22.26
C ALA A 581 19.11 -37.20 -23.79
N HIS A 582 20.38 -37.22 -24.20
CA HIS A 582 20.78 -36.90 -25.61
C HIS A 582 21.58 -38.04 -26.29
N ALA A 583 21.78 -39.15 -25.59
CA ALA A 583 22.67 -40.21 -26.05
C ALA A 583 21.89 -41.45 -26.50
N SER A 584 22.35 -42.06 -27.58
CA SER A 584 21.86 -43.38 -27.99
C SER A 584 23.02 -44.14 -28.62
N MET A 585 22.79 -45.42 -28.93
CA MET A 585 23.76 -46.19 -29.67
C MET A 585 23.20 -46.38 -31.06
N VAL A 586 24.00 -46.03 -32.06
CA VAL A 586 23.67 -46.29 -33.45
C VAL A 586 24.82 -47.19 -33.95
N GLY A 587 24.52 -48.49 -34.15
CA GLY A 587 25.57 -49.45 -34.50
C GLY A 587 26.53 -49.68 -33.35
N GLN A 588 27.82 -49.53 -33.60
CA GLN A 588 28.84 -49.67 -32.53
C GLN A 588 29.22 -48.32 -31.89
N ASP A 589 28.51 -47.27 -32.30
CA ASP A 589 28.85 -45.85 -31.95
C ASP A 589 27.80 -45.28 -31.02
N THR A 590 28.24 -44.49 -30.03
CA THR A 590 27.34 -43.58 -29.29
C THR A 590 27.16 -42.31 -30.10
N VAL A 591 25.89 -41.93 -30.30
CA VAL A 591 25.49 -40.64 -30.87
C VAL A 591 24.87 -39.73 -29.80
N LEU A 592 25.35 -38.49 -29.74
CA LEU A 592 24.79 -37.43 -28.89
C LEU A 592 24.16 -36.42 -29.81
N LYS A 593 22.87 -36.17 -29.63
CA LYS A 593 22.12 -35.28 -30.53
C LYS A 593 21.61 -34.07 -29.74
N PHE A 594 21.61 -32.92 -30.39
CA PHE A 594 21.28 -31.64 -29.82
C PHE A 594 20.63 -30.89 -30.93
N GLY A 595 19.30 -30.88 -30.93
CA GLY A 595 18.57 -30.28 -32.06
C GLY A 595 18.95 -31.10 -33.27
N GLY A 596 19.30 -30.42 -34.38
CA GLY A 596 19.75 -31.08 -35.64
C GLY A 596 21.25 -31.46 -35.69
N ASP A 597 21.98 -31.14 -34.61
CA ASP A 597 23.40 -31.42 -34.56
C ASP A 597 23.73 -32.71 -33.80
N SER A 598 24.90 -33.30 -34.07
CA SER A 598 25.24 -34.59 -33.44
C SER A 598 26.73 -34.80 -33.35
N VAL A 599 27.12 -35.63 -32.40
CA VAL A 599 28.48 -36.08 -32.27
C VAL A 599 28.38 -37.60 -32.26
N THR A 600 29.20 -38.22 -33.10
CA THR A 600 29.34 -39.70 -33.14
C THR A 600 30.69 -40.07 -32.56
N LEU A 601 30.68 -40.85 -31.49
CA LEU A 601 31.88 -41.31 -30.83
C LEU A 601 32.12 -42.71 -31.37
N VAL A 602 33.03 -42.77 -32.34
CA VAL A 602 33.21 -43.97 -33.13
C VAL A 602 33.69 -45.12 -32.26
N GLY A 603 32.90 -46.19 -32.19
CA GLY A 603 33.29 -47.43 -31.48
C GLY A 603 33.11 -47.38 -29.96
N VAL A 604 32.49 -46.34 -29.44
CA VAL A 604 32.37 -46.14 -27.99
C VAL A 604 31.03 -46.68 -27.49
N ALA A 605 31.05 -47.59 -26.52
CA ALA A 605 29.80 -48.10 -25.96
C ALA A 605 29.21 -47.04 -25.02
N LEU A 606 27.91 -46.86 -25.10
CA LEU A 606 27.20 -45.86 -24.34
C LEU A 606 27.36 -46.07 -22.83
N ASN A 607 27.41 -47.32 -22.41
CA ASN A 607 27.62 -47.65 -21.00
C ASN A 607 29.03 -47.34 -20.45
N SER A 608 29.99 -47.04 -21.32
CA SER A 608 31.31 -46.61 -20.87
C SER A 608 31.38 -45.13 -20.45
N LEU A 609 30.34 -44.36 -20.77
CA LEU A 609 30.37 -42.92 -20.51
C LEU A 609 29.88 -42.55 -19.11
N SER A 610 30.46 -41.48 -18.58
CA SER A 610 30.07 -40.91 -17.29
C SER A 610 29.88 -39.40 -17.47
N ALA A 611 28.93 -38.86 -16.72
CA ALA A 611 28.68 -37.40 -16.68
C ALA A 611 29.91 -36.55 -16.39
N ASP A 612 30.86 -37.04 -15.57
CA ASP A 612 32.08 -36.28 -15.35
C ASP A 612 32.89 -36.13 -16.65
N GLY A 613 32.70 -37.07 -17.59
CA GLY A 613 33.26 -36.93 -18.95
C GLY A 613 32.46 -36.14 -19.97
N ILE A 614 31.23 -35.74 -19.63
CA ILE A 614 30.36 -35.11 -20.62
C ILE A 614 29.68 -33.87 -20.06
N VAL A 615 30.19 -32.68 -20.42
CA VAL A 615 29.61 -31.45 -19.94
C VAL A 615 28.50 -30.95 -20.86
N ILE A 616 27.29 -30.84 -20.30
CA ILE A 616 26.10 -30.33 -21.02
C ILE A 616 25.64 -29.05 -20.36
N ALA A 617 25.77 -27.94 -21.07
CA ALA A 617 25.34 -26.66 -20.57
C ALA A 617 24.34 -26.04 -21.57
N GLY B 2 -14.16 13.64 31.72
CA GLY B 2 -13.76 13.85 30.29
C GLY B 2 -13.14 12.62 29.66
N VAL B 3 -13.18 12.57 28.33
CA VAL B 3 -12.71 11.40 27.59
C VAL B 3 -11.20 11.06 27.80
N TYR B 4 -10.40 12.09 28.06
CA TYR B 4 -8.97 11.92 28.29
C TYR B 4 -8.55 12.11 29.75
N ASP B 5 -9.50 12.05 30.69
CA ASP B 5 -9.13 11.97 32.15
C ASP B 5 -8.02 10.92 32.34
N TYR B 6 -7.03 11.24 33.16
CA TYR B 6 -5.84 10.40 33.31
C TYR B 6 -5.45 10.36 34.80
N LYS B 7 -5.30 9.14 35.32
CA LYS B 7 -5.01 8.88 36.75
C LYS B 7 -6.02 9.68 37.59
N ASN B 8 -5.51 10.58 38.44
CA ASN B 8 -6.35 11.43 39.30
C ASN B 8 -5.99 12.90 39.13
N PHE B 9 -5.57 13.28 37.91
CA PHE B 9 -5.29 14.71 37.64
C PHE B 9 -6.59 15.53 37.52
N GLY B 10 -7.71 14.86 37.23
CA GLY B 10 -8.98 15.57 37.09
C GLY B 10 -9.14 16.14 35.70
N THR B 11 -10.28 16.80 35.49
CA THR B 11 -10.75 17.17 34.15
C THR B 11 -9.78 18.09 33.49
N ALA B 12 -9.54 19.23 34.14
CA ALA B 12 -8.77 20.31 33.61
C ALA B 12 -7.28 19.92 33.47
N ASP B 13 -6.73 19.24 34.48
CA ASP B 13 -5.30 18.98 34.37
C ASP B 13 -4.99 17.83 33.42
N SER B 14 -5.91 16.87 33.28
CA SER B 14 -5.76 15.81 32.30
C SER B 14 -5.78 16.39 30.86
N LYS B 15 -6.67 17.35 30.60
CA LYS B 15 -6.65 18.09 29.34
C LYS B 15 -5.30 18.76 29.06
N ALA B 16 -4.76 19.50 30.02
CA ALA B 16 -3.43 20.11 29.77
C ALA B 16 -2.32 19.08 29.50
N LEU B 17 -2.38 17.96 30.22
CA LEU B 17 -1.45 16.87 30.04
C LEU B 17 -1.54 16.30 28.61
N PHE B 18 -2.77 16.04 28.16
CA PHE B 18 -3.08 15.58 26.83
C PHE B 18 -2.59 16.56 25.74
N SER B 19 -2.74 17.86 25.94
CA SER B 19 -2.26 18.80 24.95
C SER B 19 -0.75 18.81 24.82
N ASP B 20 -0.05 18.67 25.94
CA ASP B 20 1.41 18.45 25.93
C ASP B 20 1.86 17.17 25.20
N ALA B 21 1.25 16.05 25.55
CA ALA B 21 1.46 14.79 24.82
C ALA B 21 1.32 14.88 23.29
N MET B 22 0.26 15.53 22.82
CA MET B 22 0.04 15.69 21.37
C MET B 22 1.12 16.58 20.80
N ALA B 23 1.43 17.66 21.54
CA ALA B 23 2.39 18.66 21.08
C ALA B 23 3.75 18.00 20.79
N ILE B 24 4.23 17.19 21.73
CA ILE B 24 5.52 16.51 21.61
C ILE B 24 5.49 15.32 20.65
N THR B 25 4.35 14.60 20.57
CA THR B 25 4.09 13.58 19.55
C THR B 25 4.23 14.15 18.12
N LEU B 26 3.58 15.29 17.85
CA LEU B 26 3.64 15.95 16.56
C LEU B 26 5.06 16.42 16.24
N TYR B 27 5.73 16.97 17.25
CA TYR B 27 7.13 17.38 17.12
C TYR B 27 8.05 16.26 16.62
N SER B 28 7.91 15.06 17.21
CA SER B 28 8.68 13.88 16.84
C SER B 28 8.58 13.50 15.32
N TYR B 29 7.48 13.86 14.66
CA TYR B 29 7.38 13.60 13.22
C TYR B 29 7.89 14.75 12.35
N HIS B 30 8.29 15.86 12.98
CA HIS B 30 8.86 17.01 12.26
C HIS B 30 8.05 17.43 11.01
N ASN B 31 6.71 17.45 11.16
CA ASN B 31 5.79 17.84 10.12
C ASN B 31 5.90 17.02 8.86
N LEU B 32 6.26 15.74 9.01
CA LEU B 32 6.36 14.86 7.82
C LEU B 32 5.06 14.78 7.02
N ASP B 33 3.91 14.74 7.71
CA ASP B 33 2.62 14.60 7.00
C ASP B 33 2.02 15.96 6.63
N ASN B 34 2.81 17.02 6.69
CA ASN B 34 2.27 18.36 6.45
C ASN B 34 1.69 18.53 5.03
N GLY B 35 2.45 18.08 4.05
CA GLY B 35 1.99 18.10 2.66
C GLY B 35 0.79 17.20 2.45
N PHE B 36 0.77 16.03 3.09
CA PHE B 36 -0.42 15.20 2.97
C PHE B 36 -1.70 15.87 3.52
N ALA B 37 -1.63 16.38 4.76
CA ALA B 37 -2.75 17.08 5.38
C ALA B 37 -3.26 18.21 4.52
N ALA B 38 -2.34 19.08 4.11
CA ALA B 38 -2.69 20.17 3.20
C ALA B 38 -3.24 19.70 1.79
N GLY B 39 -2.64 18.68 1.19
CA GLY B 39 -3.16 18.19 -0.10
C GLY B 39 -4.56 17.59 0.06
N TYR B 40 -4.77 16.83 1.14
CA TYR B 40 -6.07 16.30 1.44
C TYR B 40 -7.08 17.45 1.63
N GLN B 41 -6.70 18.48 2.38
CA GLN B 41 -7.67 19.56 2.70
C GLN B 41 -8.19 20.22 1.42
N HIS B 42 -7.30 20.49 0.50
CA HIS B 42 -7.65 21.08 -0.78
C HIS B 42 -8.37 20.09 -1.72
N ASN B 43 -7.86 18.85 -1.85
CA ASN B 43 -8.28 17.99 -2.97
C ASN B 43 -9.29 16.89 -2.59
N GLY B 44 -9.28 16.49 -1.31
CA GLY B 44 -10.02 15.32 -0.90
C GLY B 44 -9.39 13.98 -1.26
N PHE B 45 -10.19 12.94 -1.14
CA PHE B 45 -9.64 11.58 -1.20
C PHE B 45 -10.31 10.72 -2.27
N GLY B 46 -10.96 11.38 -3.22
CA GLY B 46 -11.60 10.68 -4.27
C GLY B 46 -10.97 11.00 -5.60
N LEU B 47 -11.72 11.75 -6.40
CA LEU B 47 -11.25 12.28 -7.67
C LEU B 47 -9.96 13.07 -7.38
N GLY B 48 -9.89 13.65 -6.20
CA GLY B 48 -8.75 14.48 -5.83
C GLY B 48 -7.53 13.76 -5.28
N LEU B 49 -7.63 12.44 -5.10
CA LEU B 49 -6.58 11.65 -4.50
C LEU B 49 -5.14 11.80 -5.15
N PRO B 50 -5.02 11.66 -6.48
CA PRO B 50 -3.72 11.87 -7.16
C PRO B 50 -3.08 13.22 -6.78
N ALA B 51 -3.86 14.32 -6.81
CA ALA B 51 -3.36 15.64 -6.35
C ALA B 51 -2.97 15.65 -4.87
N THR B 52 -3.78 15.02 -4.01
CA THR B 52 -3.50 14.89 -2.58
C THR B 52 -2.11 14.22 -2.34
N LEU B 53 -1.87 13.13 -3.07
CA LEU B 53 -0.59 12.40 -3.05
C LEU B 53 0.60 13.23 -3.57
N VAL B 54 0.37 14.01 -4.62
CA VAL B 54 1.41 14.89 -5.13
C VAL B 54 1.88 15.83 -4.00
N THR B 55 0.90 16.41 -3.29
CA THR B 55 1.17 17.36 -2.23
C THR B 55 1.79 16.63 -1.05
N ALA B 56 1.38 15.38 -0.81
CA ALA B 56 2.04 14.56 0.22
C ALA B 56 3.55 14.40 -0.02
N LEU B 57 3.96 14.29 -1.28
CA LEU B 57 5.38 14.06 -1.65
C LEU B 57 6.15 15.36 -1.83
N LEU B 58 5.53 16.34 -2.51
CA LEU B 58 6.20 17.58 -2.94
C LEU B 58 5.74 18.81 -2.17
N GLY B 59 4.73 18.68 -1.34
CA GLY B 59 4.14 19.86 -0.71
C GLY B 59 3.63 20.88 -1.71
N GLY B 60 3.69 22.14 -1.31
CA GLY B 60 3.25 23.26 -2.15
C GLY B 60 3.92 24.53 -1.67
N THR B 61 3.33 25.70 -1.98
CA THR B 61 3.78 26.99 -1.43
C THR B 61 3.42 27.22 0.04
N ASP B 62 2.42 26.49 0.57
CA ASP B 62 2.10 26.59 2.01
C ASP B 62 2.21 25.28 2.79
N SER B 63 2.87 24.28 2.20
CA SER B 63 3.15 23.02 2.91
C SER B 63 4.41 22.36 2.42
N GLN B 64 4.94 21.47 3.26
CA GLN B 64 6.08 20.66 2.88
C GLN B 64 5.72 19.18 2.97
N GLY B 65 5.96 18.48 1.87
CA GLY B 65 5.72 17.06 1.81
C GLY B 65 6.98 16.31 2.22
N VAL B 66 7.10 15.08 1.77
CA VAL B 66 8.12 14.17 2.26
C VAL B 66 9.56 14.50 1.73
N ILE B 67 9.60 15.19 0.61
CA ILE B 67 10.85 15.48 -0.10
C ILE B 67 11.39 16.78 0.43
N PRO B 68 12.64 16.73 0.92
CA PRO B 68 13.31 17.92 1.41
C PRO B 68 13.87 18.76 0.27
N GLY B 69 14.18 20.03 0.60
CA GLY B 69 14.96 20.91 -0.25
C GLY B 69 14.28 21.40 -1.51
N ILE B 70 12.96 21.49 -1.48
CA ILE B 70 12.19 22.08 -2.59
C ILE B 70 12.03 23.58 -2.27
N PRO B 71 12.59 24.46 -3.13
CA PRO B 71 12.80 25.87 -2.79
C PRO B 71 11.52 26.61 -2.36
N TRP B 72 10.42 26.29 -3.00
CA TRP B 72 9.15 26.97 -2.72
C TRP B 72 8.31 26.42 -1.53
N ASN B 73 8.70 25.30 -0.92
CA ASN B 73 8.01 24.83 0.32
C ASN B 73 8.34 25.74 1.52
N PRO B 74 7.40 25.92 2.45
CA PRO B 74 7.87 26.51 3.71
C PRO B 74 8.73 25.52 4.48
N ASP B 75 9.57 26.03 5.38
CA ASP B 75 10.35 25.20 6.29
C ASP B 75 9.46 24.62 7.41
N SER B 76 8.85 23.46 7.14
CA SER B 76 7.86 22.88 8.06
C SER B 76 8.51 22.26 9.32
N GLU B 77 9.81 21.97 9.19
CA GLU B 77 10.60 21.46 10.31
C GLU B 77 10.87 22.55 11.35
N LYS B 78 11.18 23.74 10.87
CA LYS B 78 11.29 24.92 11.75
C LYS B 78 9.92 25.27 12.39
N LEU B 79 8.85 25.21 11.60
CA LEU B 79 7.47 25.34 12.13
C LEU B 79 7.13 24.35 13.23
N ALA B 80 7.46 23.07 13.02
CA ALA B 80 7.33 22.06 14.10
C ALA B 80 8.13 22.45 15.36
N LEU B 81 9.36 22.93 15.16
CA LEU B 81 10.20 23.29 16.32
C LEU B 81 9.57 24.47 17.04
N ASP B 82 9.17 25.49 16.28
CA ASP B 82 8.45 26.63 16.83
C ASP B 82 7.18 26.21 17.57
N ALA B 83 6.38 25.30 16.99
CA ALA B 83 5.15 24.78 17.60
C ALA B 83 5.39 24.13 18.97
N VAL B 84 6.47 23.34 19.06
CA VAL B 84 6.74 22.59 20.28
C VAL B 84 7.23 23.51 21.39
N LYS B 85 7.98 24.55 20.97
CA LYS B 85 8.38 25.65 21.83
C LYS B 85 7.22 26.48 22.36
N LYS B 86 6.28 26.81 21.49
CA LYS B 86 5.09 27.56 21.87
C LYS B 86 4.31 26.80 22.96
N ALA B 87 4.33 25.47 22.87
CA ALA B 87 3.77 24.55 23.89
C ALA B 87 4.59 24.43 25.22
N GLY B 88 5.74 25.09 25.30
CA GLY B 88 6.55 25.14 26.51
C GLY B 88 7.83 24.30 26.51
N TRP B 89 8.05 23.55 25.43
CA TRP B 89 9.09 22.53 25.37
C TRP B 89 10.31 22.92 24.54
N THR B 90 11.50 22.59 25.03
CA THR B 90 12.74 22.80 24.30
C THR B 90 13.53 21.50 24.35
N PRO B 91 13.94 20.98 23.17
CA PRO B 91 14.66 19.71 23.21
C PRO B 91 15.95 19.80 24.08
N ILE B 92 16.19 18.76 24.86
CA ILE B 92 17.38 18.63 25.66
C ILE B 92 18.55 18.03 24.82
N THR B 93 19.67 18.76 24.76
CA THR B 93 20.87 18.31 24.03
C THR B 93 21.55 17.06 24.64
N ALA B 94 22.28 16.31 23.82
CA ALA B 94 23.05 15.16 24.29
C ALA B 94 24.05 15.60 25.35
N SER B 95 24.53 16.82 25.20
CA SER B 95 25.46 17.42 26.13
C SER B 95 24.89 17.62 27.56
N GLN B 96 23.72 18.25 27.70
CA GLN B 96 23.03 18.35 29.01
C GLN B 96 22.83 17.00 29.69
N LEU B 97 22.59 15.97 28.87
CA LEU B 97 22.41 14.62 29.37
C LEU B 97 23.72 13.88 29.58
N GLY B 98 24.83 14.42 29.09
CA GLY B 98 26.07 13.63 29.05
C GLY B 98 25.81 12.28 28.38
N TYR B 99 25.03 12.32 27.29
CA TYR B 99 24.73 11.15 26.45
C TYR B 99 25.76 10.94 25.35
N ASP B 100 26.29 9.72 25.29
CA ASP B 100 27.37 9.30 24.39
C ASP B 100 26.91 8.64 23.06
N GLY B 101 25.60 8.43 22.91
CA GLY B 101 25.07 7.81 21.70
C GLY B 101 24.91 8.82 20.58
N LYS B 102 24.02 8.50 19.64
CA LYS B 102 23.87 9.27 18.39
C LYS B 102 22.69 10.24 18.43
N THR B 103 22.91 11.44 17.94
CA THR B 103 21.81 12.35 17.67
C THR B 103 22.06 12.91 16.28
N ASP B 104 21.06 13.53 15.67
CA ASP B 104 21.29 14.19 14.39
C ASP B 104 21.34 15.71 14.62
N ALA B 105 21.37 16.49 13.56
CA ALA B 105 21.49 17.96 13.62
C ALA B 105 20.30 18.69 14.30
N ARG B 106 19.15 18.02 14.39
CA ARG B 106 17.94 18.54 15.06
C ARG B 106 17.98 18.25 16.56
N GLY B 107 18.89 17.40 16.97
CA GLY B 107 18.94 16.95 18.37
C GLY B 107 18.12 15.70 18.63
N THR B 108 17.56 15.08 17.58
CA THR B 108 16.86 13.80 17.74
C THR B 108 17.83 12.68 18.18
N PHE B 109 17.37 11.86 19.14
CA PHE B 109 18.14 10.71 19.62
C PHE B 109 17.79 9.41 18.84
N PHE B 110 18.82 8.64 18.47
CA PHE B 110 18.63 7.45 17.62
C PHE B 110 18.91 6.21 18.40
N GLY B 111 18.25 5.11 18.00
CA GLY B 111 18.23 3.86 18.75
C GLY B 111 19.60 3.24 18.81
N GLU B 112 19.82 2.46 19.87
CA GLU B 112 21.18 2.19 20.39
C GLU B 112 21.79 0.84 20.01
N LYS B 113 20.97 -0.13 19.66
CA LYS B 113 21.41 -1.47 19.32
C LYS B 113 21.03 -1.84 17.89
N ALA B 114 21.79 -2.79 17.34
CA ALA B 114 21.48 -3.39 16.05
C ALA B 114 20.03 -3.86 16.02
N GLY B 115 19.33 -3.50 14.96
CA GLY B 115 17.91 -3.79 14.78
C GLY B 115 16.97 -2.70 15.33
N TYR B 116 17.55 -1.65 15.92
CA TYR B 116 16.86 -0.52 16.56
C TYR B 116 17.46 0.82 16.14
N THR B 117 18.29 0.80 15.12
CA THR B 117 19.02 2.01 14.73
C THR B 117 18.15 3.02 13.97
N THR B 118 16.94 2.62 13.63
CA THR B 118 15.99 3.51 12.99
C THR B 118 14.95 4.05 14.01
N ALA B 119 15.05 3.61 15.27
CA ALA B 119 14.22 4.18 16.35
C ALA B 119 14.63 5.63 16.58
N GLN B 120 13.65 6.52 16.77
CA GLN B 120 13.92 7.92 17.08
C GLN B 120 13.13 8.35 18.32
N VAL B 121 13.76 9.19 19.13
CA VAL B 121 13.08 9.75 20.32
C VAL B 121 13.52 11.19 20.51
N GLU B 122 12.58 12.05 20.89
CA GLU B 122 12.89 13.41 21.37
C GLU B 122 12.77 13.48 22.90
N ILE B 123 13.74 14.13 23.52
CA ILE B 123 13.76 14.37 24.98
C ILE B 123 13.67 15.87 25.10
N LEU B 124 12.58 16.36 25.71
CA LEU B 124 12.39 17.81 25.79
C LEU B 124 12.18 18.23 27.25
N GLY B 125 12.40 19.52 27.51
CA GLY B 125 12.28 20.07 28.84
C GLY B 125 11.35 21.26 28.81
N LYS B 126 10.55 21.39 29.86
CA LYS B 126 9.79 22.59 30.14
C LYS B 126 10.60 23.36 31.22
N TYR B 127 10.65 24.68 31.12
CA TYR B 127 11.46 25.54 32.05
C TYR B 127 10.63 26.66 32.66
N ASP B 128 10.69 26.86 33.98
CA ASP B 128 10.01 28.01 34.63
C ASP B 128 10.64 29.38 34.27
N ALA B 129 10.07 30.45 34.84
CA ALA B 129 10.51 31.84 34.58
C ALA B 129 11.94 32.15 35.03
N GLN B 130 12.45 31.46 36.03
CA GLN B 130 13.83 31.67 36.35
C GLN B 130 14.82 30.72 35.67
N GLY B 131 14.33 29.92 34.73
CA GLY B 131 15.18 29.05 33.92
C GLY B 131 15.32 27.61 34.41
N HIS B 132 14.77 27.31 35.59
CA HIS B 132 14.82 25.95 36.14
C HIS B 132 13.89 24.97 35.40
N LEU B 133 14.36 23.73 35.26
CA LEU B 133 13.59 22.66 34.66
C LEU B 133 12.41 22.26 35.55
N THR B 134 11.21 22.20 34.98
CA THR B 134 10.04 21.73 35.71
C THR B 134 9.51 20.38 35.25
N GLU B 135 9.77 20.03 33.98
CA GLU B 135 9.14 18.85 33.37
C GLU B 135 10.00 18.29 32.26
N ILE B 136 9.99 16.97 32.09
CA ILE B 136 10.63 16.30 30.96
C ILE B 136 9.57 15.56 30.10
N GLY B 137 9.64 15.78 28.79
CA GLY B 137 8.81 15.06 27.82
C GLY B 137 9.63 14.05 27.01
N ILE B 138 9.09 12.84 26.87
CA ILE B 138 9.72 11.78 26.05
C ILE B 138 8.76 11.44 24.88
N ALA B 139 9.13 11.84 23.66
CA ALA B 139 8.33 11.58 22.47
C ALA B 139 9.01 10.61 21.50
N PHE B 140 8.53 9.36 21.50
CA PHE B 140 9.00 8.32 20.55
C PHE B 140 8.38 8.52 19.16
N ARG B 141 9.22 8.52 18.11
CA ARG B 141 8.73 8.61 16.73
C ARG B 141 8.07 7.33 16.24
N GLY B 142 6.93 7.47 15.57
CA GLY B 142 6.28 6.35 14.88
C GLY B 142 7.08 5.98 13.63
N THR B 143 6.67 5.00 12.88
CA THR B 143 7.31 4.69 11.61
C THR B 143 7.51 5.90 10.67
N SER B 144 8.67 5.95 10.06
CA SER B 144 9.25 7.10 9.35
C SER B 144 10.48 7.66 10.09
N GLY B 145 11.26 8.45 9.41
CA GLY B 145 12.44 9.05 10.05
C GLY B 145 12.78 10.32 9.29
N PRO B 146 13.97 10.89 9.58
CA PRO B 146 14.34 12.16 8.99
C PRO B 146 14.21 12.10 7.45
N ARG B 147 13.65 13.15 6.86
CA ARG B 147 13.47 13.31 5.42
C ARG B 147 14.70 12.88 4.60
N GLU B 148 15.91 13.22 5.10
CA GLU B 148 17.26 12.84 4.55
C GLU B 148 17.33 11.36 4.21
N ASN B 149 16.66 10.54 4.99
CA ASN B 149 16.87 9.10 4.88
C ASN B 149 15.61 8.33 5.12
N LEU B 150 14.49 8.93 4.71
CA LEU B 150 13.17 8.45 5.00
C LEU B 150 12.96 6.95 4.76
N ILE B 151 13.34 6.49 3.57
CA ILE B 151 12.90 5.18 3.05
C ILE B 151 13.61 4.06 3.81
N LEU B 152 14.93 4.13 3.84
CA LEU B 152 15.74 3.14 4.57
C LEU B 152 15.40 3.07 6.05
N ASP B 153 15.23 4.25 6.66
CA ASP B 153 14.81 4.37 8.05
C ASP B 153 13.40 3.72 8.28
N SER B 154 12.43 4.06 7.42
CA SER B 154 11.09 3.45 7.43
C SER B 154 11.17 1.96 7.28
N ILE B 155 12.08 1.45 6.44
CA ILE B 155 12.20 -0.01 6.28
C ILE B 155 12.58 -0.68 7.62
N GLY B 156 13.57 -0.09 8.29
CA GLY B 156 13.97 -0.53 9.61
C GLY B 156 12.80 -0.52 10.58
N ASP B 157 11.94 0.48 10.48
CA ASP B 157 10.81 0.65 11.41
C ASP B 157 9.76 -0.44 11.18
N VAL B 158 9.48 -0.71 9.91
CA VAL B 158 8.50 -1.71 9.49
C VAL B 158 8.96 -3.11 9.86
N ILE B 159 10.26 -3.34 9.79
CA ILE B 159 10.82 -4.57 10.30
C ILE B 159 10.50 -4.68 11.82
N ASN B 160 10.71 -3.59 12.58
CA ASN B 160 10.34 -3.52 14.02
C ASN B 160 8.83 -3.75 14.20
N ASP B 161 8.02 -3.09 13.36
CA ASP B 161 6.55 -3.23 13.41
C ASP B 161 6.15 -4.71 13.28
N LEU B 162 6.76 -5.44 12.33
CA LEU B 162 6.37 -6.84 12.08
C LEU B 162 6.81 -7.80 13.20
N LEU B 163 7.96 -7.52 13.80
CA LEU B 163 8.46 -8.28 14.95
C LEU B 163 7.55 -8.13 16.16
N ALA B 164 6.92 -6.95 16.32
CA ALA B 164 5.90 -6.77 17.38
C ALA B 164 4.75 -7.75 17.19
N ALA B 165 4.43 -8.05 15.92
CA ALA B 165 3.34 -8.99 15.59
C ALA B 165 3.73 -10.48 15.50
N PHE B 166 4.92 -10.75 14.97
CA PHE B 166 5.30 -12.09 14.51
C PHE B 166 6.59 -12.59 15.16
N GLY B 167 7.23 -11.74 15.98
CA GLY B 167 8.54 -12.07 16.52
C GLY B 167 8.54 -12.70 17.91
N PRO B 168 9.66 -12.57 18.64
CA PRO B 168 9.71 -13.13 19.98
C PRO B 168 8.58 -12.57 20.82
N LYS B 169 8.01 -13.43 21.67
CA LYS B 169 7.07 -12.99 22.68
C LYS B 169 7.73 -11.83 23.40
N ASP B 170 6.91 -10.85 23.72
CA ASP B 170 7.35 -9.60 24.35
C ASP B 170 8.46 -8.78 23.64
N TYR B 171 8.54 -8.92 22.31
CA TYR B 171 9.31 -8.00 21.46
C TYR B 171 8.89 -6.53 21.66
N ALA B 172 7.59 -6.26 21.56
CA ALA B 172 7.06 -4.90 21.74
C ALA B 172 7.36 -4.36 23.17
N LYS B 173 7.13 -5.18 24.17
CA LYS B 173 7.43 -4.85 25.56
C LYS B 173 8.87 -4.40 25.74
N ASN B 174 9.81 -5.11 25.10
CA ASN B 174 11.22 -4.79 25.20
C ASN B 174 11.77 -3.73 24.24
N TYR B 175 10.94 -3.17 23.37
CA TYR B 175 11.46 -2.27 22.34
C TYR B 175 12.21 -1.08 22.93
N VAL B 176 11.62 -0.38 23.89
CA VAL B 176 12.31 0.76 24.49
C VAL B 176 13.60 0.38 25.28
N GLY B 177 13.60 -0.79 25.91
CA GLY B 177 14.78 -1.33 26.61
C GLY B 177 15.97 -1.45 25.66
N GLU B 178 15.74 -2.06 24.50
CA GLU B 178 16.77 -2.29 23.51
C GLU B 178 17.22 -1.01 22.83
N ALA B 179 16.25 -0.22 22.34
CA ALA B 179 16.54 0.95 21.57
C ALA B 179 17.16 2.10 22.40
N PHE B 180 16.70 2.30 23.63
CA PHE B 180 16.98 3.54 24.39
C PHE B 180 17.36 3.31 25.86
N GLY B 181 17.74 2.09 26.19
CA GLY B 181 18.11 1.75 27.58
C GLY B 181 19.14 2.71 28.20
N ASN B 182 20.19 3.03 27.48
CA ASN B 182 21.26 3.90 28.03
C ASN B 182 20.84 5.37 28.10
N LEU B 183 20.28 5.87 27.00
CA LEU B 183 19.58 7.15 27.00
C LEU B 183 18.69 7.36 28.23
N LEU B 184 17.89 6.37 28.57
CA LEU B 184 16.96 6.53 29.67
C LEU B 184 17.64 6.56 31.06
N ASN B 185 18.77 5.85 31.20
CA ASN B 185 19.64 6.02 32.41
C ASN B 185 20.15 7.45 32.57
N ASP B 186 20.63 8.05 31.46
CA ASP B 186 21.10 9.44 31.48
C ASP B 186 19.98 10.45 31.77
N VAL B 187 18.77 10.11 31.36
CA VAL B 187 17.61 10.95 31.63
C VAL B 187 17.26 10.88 33.10
N VAL B 188 17.29 9.68 33.71
CA VAL B 188 17.05 9.54 35.17
C VAL B 188 18.03 10.43 35.96
N ALA B 189 19.32 10.30 35.64
CA ALA B 189 20.38 11.10 36.27
C ALA B 189 20.19 12.61 36.08
N PHE B 190 19.74 13.02 34.89
CA PHE B 190 19.51 14.45 34.57
C PHE B 190 18.25 14.99 35.26
N ALA B 191 17.27 14.11 35.43
CA ALA B 191 16.06 14.42 36.18
C ALA B 191 16.43 14.63 37.65
N LYS B 192 17.19 13.68 38.22
CA LYS B 192 17.55 13.71 39.67
C LYS B 192 18.40 14.93 40.01
N ALA B 193 19.37 15.20 39.14
CA ALA B 193 20.23 16.34 39.26
C ALA B 193 19.50 17.70 39.18
N ASN B 194 18.26 17.69 38.70
CA ASN B 194 17.49 18.91 38.57
C ASN B 194 16.29 18.91 39.52
N GLY B 195 16.19 17.89 40.35
CA GLY B 195 15.17 17.82 41.40
C GLY B 195 13.84 17.24 40.95
N LEU B 196 13.83 16.58 39.80
CA LEU B 196 12.61 15.99 39.29
C LEU B 196 12.61 14.53 39.64
N SER B 197 11.42 13.96 39.75
CA SER B 197 11.23 12.51 39.83
C SER B 197 10.34 12.02 38.67
N GLY B 198 9.90 10.76 38.77
CA GLY B 198 9.13 10.07 37.73
C GLY B 198 7.88 10.83 37.28
N LYS B 199 7.23 11.46 38.27
CA LYS B 199 5.95 12.13 38.07
C LYS B 199 6.04 13.42 37.28
N ASP B 200 7.27 13.97 37.13
CA ASP B 200 7.54 15.16 36.29
C ASP B 200 7.89 14.78 34.81
N VAL B 201 7.67 13.50 34.47
CA VAL B 201 7.96 13.00 33.14
C VAL B 201 6.67 12.57 32.42
N LEU B 202 6.55 13.09 31.21
CA LEU B 202 5.47 12.73 30.30
C LEU B 202 6.06 12.02 29.08
N VAL B 203 5.48 10.87 28.75
CA VAL B 203 5.94 9.97 27.71
C VAL B 203 4.81 9.79 26.69
N SER B 204 5.11 10.07 25.42
CA SER B 204 4.09 10.01 24.36
C SER B 204 4.72 9.62 23.03
N GLY B 205 3.91 9.59 21.99
CA GLY B 205 4.31 9.18 20.65
C GLY B 205 3.12 8.52 19.95
N HIS B 206 3.27 8.34 18.64
CA HIS B 206 2.18 7.93 17.79
C HIS B 206 2.58 6.67 17.03
N SER B 207 1.62 5.74 16.90
CA SER B 207 1.81 4.52 16.15
C SER B 207 2.88 3.60 16.77
N LEU B 208 3.98 3.31 16.06
CA LEU B 208 5.15 2.64 16.70
C LEU B 208 5.69 3.48 17.88
N GLY B 209 5.51 4.80 17.82
CA GLY B 209 5.87 5.67 18.96
C GLY B 209 4.92 5.40 20.12
N GLY B 210 3.68 4.99 19.76
CA GLY B 210 2.66 4.56 20.68
C GLY B 210 3.02 3.22 21.32
N LEU B 211 3.51 2.28 20.50
CA LEU B 211 3.95 0.98 20.98
C LEU B 211 5.09 1.23 21.99
N ALA B 212 5.98 2.18 21.66
CA ALA B 212 7.08 2.54 22.55
C ALA B 212 6.58 3.09 23.90
N VAL B 213 5.52 3.91 23.90
CA VAL B 213 4.96 4.39 25.16
C VAL B 213 4.58 3.19 26.03
N ASN B 214 3.86 2.23 25.44
CA ASN B 214 3.37 1.08 26.15
C ASN B 214 4.51 0.16 26.61
N SER B 215 5.54 -0.01 25.77
CA SER B 215 6.81 -0.70 26.14
C SER B 215 7.43 -0.06 27.39
N MET B 216 7.65 1.25 27.34
CA MET B 216 8.27 1.97 28.44
C MET B 216 7.49 1.81 29.75
N ALA B 217 6.16 1.84 29.68
CA ALA B 217 5.30 1.57 30.83
C ALA B 217 5.46 0.13 31.35
N ASP B 218 5.48 -0.86 30.46
CA ASP B 218 5.73 -2.24 30.86
C ASP B 218 7.07 -2.41 31.59
N LEU B 219 8.08 -1.65 31.14
CA LEU B 219 9.44 -1.81 31.62
C LEU B 219 9.76 -0.90 32.81
N SER B 220 8.83 -0.02 33.18
CA SER B 220 9.14 1.08 34.08
C SER B 220 9.28 0.61 35.53
N GLY B 221 8.58 -0.46 35.89
CA GLY B 221 8.64 -1.08 37.21
C GLY B 221 10.05 -1.60 37.51
N GLY B 222 10.60 -2.40 36.60
CA GLY B 222 11.87 -3.09 36.80
C GLY B 222 13.14 -2.37 36.35
N LYS B 223 13.05 -1.59 35.27
CA LYS B 223 14.24 -0.94 34.70
C LYS B 223 14.38 0.47 35.17
N TRP B 224 15.57 1.02 35.02
CA TRP B 224 15.92 2.41 35.31
C TRP B 224 15.67 2.73 36.80
N GLY B 225 15.65 1.66 37.59
CA GLY B 225 15.52 1.74 39.02
C GLY B 225 14.10 2.07 39.43
N GLY B 226 13.14 1.70 38.58
CA GLY B 226 11.74 2.02 38.81
C GLY B 226 11.45 3.51 38.83
N PHE B 227 12.42 4.29 38.36
CA PHE B 227 12.29 5.74 38.32
C PHE B 227 11.05 6.24 37.56
N PHE B 228 10.74 5.61 36.42
CA PHE B 228 9.64 6.06 35.58
C PHE B 228 8.31 5.33 35.90
N ALA B 229 8.25 4.61 37.02
CA ALA B 229 7.09 3.83 37.38
C ALA B 229 5.81 4.68 37.44
N ASP B 230 5.97 5.92 37.90
CA ASP B 230 4.83 6.83 38.09
C ASP B 230 4.90 8.00 37.12
N SER B 231 5.59 7.76 36.00
CA SER B 231 5.63 8.71 34.93
C SER B 231 4.25 8.77 34.30
N ASN B 232 4.07 9.76 33.41
CA ASN B 232 2.81 9.94 32.70
C ASN B 232 2.88 9.43 31.27
N TYR B 233 1.96 8.52 30.94
CA TYR B 233 1.97 7.76 29.68
C TYR B 233 0.68 7.91 28.85
N ILE B 234 0.81 8.68 27.78
CA ILE B 234 -0.25 8.87 26.80
C ILE B 234 0.20 8.42 25.40
N ALA B 235 -0.33 7.29 24.93
CA ALA B 235 0.01 6.79 23.61
C ALA B 235 -1.06 7.08 22.53
N TYR B 236 -0.62 7.47 21.33
CA TYR B 236 -1.53 7.68 20.18
C TYR B 236 -1.39 6.59 19.12
N ALA B 237 -2.54 6.05 18.68
CA ALA B 237 -2.67 5.06 17.62
C ALA B 237 -1.71 3.90 17.86
N SER B 238 -1.58 3.50 19.13
CA SER B 238 -0.74 2.35 19.42
C SER B 238 -1.34 1.03 18.88
N PRO B 239 -0.51 0.22 18.15
CA PRO B 239 -1.05 -1.12 17.81
C PRO B 239 -1.19 -2.02 19.08
N THR B 240 -0.44 -1.69 20.12
CA THR B 240 -0.33 -2.50 21.36
C THR B 240 -0.89 -1.77 22.59
N GLN B 241 -1.10 -2.52 23.68
CA GLN B 241 -1.50 -1.97 24.97
C GLN B 241 -0.64 -2.69 25.97
N SER B 242 0.03 -1.95 26.85
CA SER B 242 0.79 -2.60 27.90
C SER B 242 -0.08 -3.41 28.86
N SER B 243 0.58 -4.23 29.68
CA SER B 243 -0.01 -5.05 30.71
C SER B 243 -0.19 -4.28 32.01
N THR B 244 0.21 -3.01 32.04
CA THR B 244 0.09 -2.17 33.23
C THR B 244 -1.22 -1.34 33.22
N ASP B 245 -1.45 -0.58 34.30
CA ASP B 245 -2.57 0.37 34.30
C ASP B 245 -2.06 1.81 34.05
N LYS B 246 -0.87 1.95 33.46
CA LYS B 246 -0.20 3.24 33.42
C LYS B 246 -0.50 4.05 32.13
N VAL B 247 -1.02 3.38 31.10
CA VAL B 247 -1.15 3.98 29.75
C VAL B 247 -2.58 4.36 29.33
N LEU B 248 -2.74 5.65 28.98
CA LEU B 248 -3.92 6.11 28.24
C LEU B 248 -3.67 5.86 26.72
N ASN B 249 -4.38 4.88 26.18
CA ASN B 249 -4.32 4.58 24.75
C ASN B 249 -5.43 5.29 23.95
N VAL B 250 -5.02 6.42 23.37
CA VAL B 250 -5.90 7.28 22.58
C VAL B 250 -5.75 6.96 21.08
N GLY B 251 -6.88 6.81 20.40
CA GLY B 251 -6.88 6.66 18.95
C GLY B 251 -8.27 6.83 18.38
N TYR B 252 -8.31 6.91 17.05
CA TYR B 252 -9.56 6.82 16.28
C TYR B 252 -9.94 5.35 16.04
N GLU B 253 -11.21 4.99 16.25
CA GLU B 253 -11.61 3.59 16.09
C GLU B 253 -11.51 3.14 14.62
N ASN B 254 -11.63 4.07 13.66
CA ASN B 254 -11.41 3.72 12.24
C ASN B 254 -9.93 3.83 11.75
N ASP B 255 -9.01 4.14 12.67
CA ASP B 255 -7.59 4.06 12.37
C ASP B 255 -7.16 2.57 12.44
N PRO B 256 -6.86 1.92 11.28
CA PRO B 256 -6.57 0.48 11.29
C PRO B 256 -5.35 0.05 12.17
N VAL B 257 -4.42 0.97 12.44
CA VAL B 257 -3.26 0.69 13.29
C VAL B 257 -3.69 0.55 14.79
N PHE B 258 -4.59 1.41 15.22
CA PHE B 258 -5.01 1.52 16.63
C PHE B 258 -5.60 0.20 17.13
N ARG B 259 -4.93 -0.39 18.14
CA ARG B 259 -5.35 -1.65 18.76
C ARG B 259 -5.28 -2.84 17.79
N ALA B 260 -4.42 -2.77 16.78
CA ALA B 260 -4.31 -3.84 15.80
C ALA B 260 -4.03 -5.19 16.51
N LEU B 261 -3.27 -5.11 17.60
CA LEU B 261 -2.87 -6.25 18.40
C LEU B 261 -3.58 -6.20 19.75
N ASP B 262 -3.70 -7.39 20.36
CA ASP B 262 -4.38 -7.58 21.61
C ASP B 262 -3.41 -8.21 22.65
N GLY B 263 -2.86 -7.53 23.66
CA GLY B 263 -2.37 -6.22 23.68
C GLY B 263 -0.96 -6.27 23.12
N SER B 264 -0.38 -7.45 22.95
CA SER B 264 0.69 -7.57 21.92
C SER B 264 0.54 -8.72 20.93
N THR B 265 -0.63 -9.38 20.98
CA THR B 265 -0.91 -10.60 20.23
C THR B 265 -1.68 -10.37 18.92
N PHE B 266 -1.16 -11.00 17.87
CA PHE B 266 -1.78 -10.99 16.58
C PHE B 266 -2.94 -11.99 16.55
N THR B 267 -4.14 -11.55 16.22
CA THR B 267 -5.31 -12.44 16.14
C THR B 267 -5.88 -12.36 14.75
N GLY B 268 -6.96 -13.10 14.51
CA GLY B 268 -7.75 -12.97 13.29
C GLY B 268 -8.26 -11.55 13.02
N ALA B 269 -8.64 -10.81 14.08
CA ALA B 269 -9.08 -9.40 13.97
C ALA B 269 -7.98 -8.40 13.53
N SER B 270 -6.70 -8.73 13.77
CA SER B 270 -5.56 -7.85 13.49
C SER B 270 -5.54 -7.28 12.05
N VAL B 271 -6.01 -8.08 11.11
CA VAL B 271 -6.08 -7.68 9.71
C VAL B 271 -7.45 -7.30 9.29
N GLY B 272 -8.37 -7.18 10.24
CA GLY B 272 -9.71 -6.68 9.89
C GLY B 272 -10.12 -5.62 10.87
N VAL B 273 -11.38 -5.65 11.27
CA VAL B 273 -11.88 -4.76 12.30
C VAL B 273 -11.49 -5.30 13.69
N HIS B 274 -10.88 -4.43 14.50
CA HIS B 274 -10.38 -4.89 15.80
C HIS B 274 -10.82 -3.91 16.87
N ASP B 275 -12.14 -3.88 17.06
CA ASP B 275 -12.82 -2.84 17.77
C ASP B 275 -13.43 -3.31 19.11
N ALA B 276 -12.88 -4.42 19.66
CA ALA B 276 -13.25 -4.91 20.97
C ALA B 276 -12.92 -3.88 22.03
N PRO B 277 -13.82 -3.67 23.01
CA PRO B 277 -13.51 -2.73 24.08
C PRO B 277 -12.17 -3.07 24.76
N LYS B 278 -11.34 -2.05 25.00
CA LYS B 278 -10.11 -2.25 25.77
C LYS B 278 -10.05 -1.28 26.92
N GLU B 279 -9.73 -1.78 28.11
CA GLU B 279 -9.75 -0.99 29.34
C GLU B 279 -8.91 0.31 29.26
N SER B 280 -7.75 0.20 28.62
CA SER B 280 -6.80 1.31 28.60
C SER B 280 -7.10 2.29 27.46
N ALA B 281 -8.00 1.89 26.56
CA ALA B 281 -8.19 2.59 25.28
C ALA B 281 -9.47 3.43 25.21
N THR B 282 -9.37 4.59 24.60
CA THR B 282 -10.48 5.23 23.96
C THR B 282 -11.11 4.47 22.78
N ASP B 283 -12.23 3.85 23.02
CA ASP B 283 -12.75 2.88 22.10
C ASP B 283 -13.65 3.35 21.02
N ASN B 284 -14.19 4.53 21.15
CA ASN B 284 -15.28 5.00 20.31
C ASN B 284 -15.18 6.42 19.72
N ILE B 285 -13.96 6.84 19.39
CA ILE B 285 -13.71 8.05 18.61
C ILE B 285 -13.54 7.86 17.07
N VAL B 286 -14.41 8.52 16.31
CA VAL B 286 -14.43 8.35 14.87
C VAL B 286 -13.82 9.58 14.21
N SER B 287 -12.88 9.35 13.29
CA SER B 287 -12.43 10.40 12.40
C SER B 287 -13.39 10.41 11.22
N PHE B 288 -14.28 11.42 11.21
CA PHE B 288 -15.22 11.49 10.09
C PHE B 288 -14.54 12.12 8.84
N ASN B 289 -13.83 11.29 8.09
CA ASN B 289 -13.04 11.82 6.99
C ASN B 289 -13.66 11.39 5.67
N ASP B 290 -13.13 11.88 4.55
CA ASP B 290 -13.64 11.49 3.22
C ASP B 290 -13.65 9.99 2.95
N HIS B 291 -12.61 9.27 3.41
CA HIS B 291 -12.64 7.77 3.34
C HIS B 291 -13.81 7.18 4.13
N TYR B 292 -13.92 7.55 5.41
CA TYR B 292 -15.01 7.07 6.29
C TYR B 292 -16.43 7.32 5.69
N ALA B 293 -16.59 8.51 5.12
CA ALA B 293 -17.83 8.97 4.51
C ALA B 293 -18.22 8.27 3.20
N SER B 294 -17.26 7.67 2.51
CA SER B 294 -17.44 7.19 1.14
C SER B 294 -18.01 5.77 1.07
N THR B 295 -19.16 5.64 0.40
CA THR B 295 -19.70 4.34 0.04
C THR B 295 -18.70 3.55 -0.83
N ALA B 296 -18.14 4.20 -1.85
CA ALA B 296 -17.20 3.52 -2.79
C ALA B 296 -15.97 2.94 -2.10
N TRP B 297 -15.32 3.76 -1.27
CA TRP B 297 -14.14 3.28 -0.57
C TRP B 297 -14.42 2.09 0.31
N ASN B 298 -15.59 2.11 0.96
CA ASN B 298 -15.93 1.10 1.93
C ASN B 298 -16.53 -0.17 1.33
N LEU B 299 -16.60 -0.23 0.01
CA LEU B 299 -16.76 -1.50 -0.70
C LEU B 299 -15.58 -2.41 -0.41
N LEU B 300 -14.39 -1.79 -0.26
CA LEU B 300 -13.17 -2.56 0.07
C LEU B 300 -13.17 -2.91 1.57
N PRO B 301 -12.63 -4.09 1.97
CA PRO B 301 -12.63 -4.48 3.39
C PRO B 301 -11.73 -3.56 4.23
N PHE B 302 -12.24 -3.16 5.40
CA PHE B 302 -11.43 -2.43 6.35
C PHE B 302 -10.27 -3.37 6.83
N SER B 303 -9.06 -2.91 6.67
CA SER B 303 -7.89 -3.67 7.07
C SER B 303 -6.69 -2.75 7.07
N ILE B 304 -5.82 -2.96 8.06
CA ILE B 304 -4.45 -2.38 8.09
C ILE B 304 -3.67 -2.67 6.76
N LEU B 305 -4.05 -3.76 6.06
CA LEU B 305 -3.45 -4.14 4.76
C LEU B 305 -3.97 -3.33 3.58
N ASN B 306 -5.07 -2.60 3.73
CA ASN B 306 -5.65 -1.72 2.71
C ASN B 306 -5.18 -0.25 2.96
N ILE B 307 -4.23 0.24 2.19
CA ILE B 307 -3.51 1.48 2.49
C ILE B 307 -4.40 2.71 2.57
N PRO B 308 -5.39 2.87 1.64
CA PRO B 308 -6.29 4.01 1.79
C PRO B 308 -6.97 4.14 3.19
N THR B 309 -7.14 3.06 3.93
CA THR B 309 -7.74 3.19 5.27
C THR B 309 -6.79 3.94 6.21
N TRP B 310 -5.51 4.03 5.80
CA TRP B 310 -4.51 4.70 6.60
C TRP B 310 -4.65 6.21 6.71
N ILE B 311 -5.50 6.79 5.84
CA ILE B 311 -5.88 8.19 6.01
C ILE B 311 -6.32 8.55 7.45
N SER B 312 -6.96 7.63 8.16
CA SER B 312 -7.43 7.91 9.57
C SER B 312 -6.31 7.86 10.60
N HIS B 313 -5.10 7.56 10.13
CA HIS B 313 -3.94 7.37 10.97
C HIS B 313 -3.11 8.65 11.09
N LEU B 314 -3.21 9.55 10.12
CA LEU B 314 -2.35 10.69 10.03
C LEU B 314 -2.31 11.50 11.30
N PRO B 315 -1.10 11.81 11.75
CA PRO B 315 -0.87 12.59 12.98
C PRO B 315 -1.53 13.99 12.96
N THR B 316 -1.46 14.72 11.84
CA THR B 316 -2.17 16.02 11.76
C THR B 316 -3.70 15.95 12.06
N ALA B 317 -4.36 14.93 11.52
CA ALA B 317 -5.76 14.67 11.82
C ALA B 317 -6.00 14.27 13.28
N TYR B 318 -5.01 13.64 13.92
CA TYR B 318 -5.00 13.38 15.38
C TYR B 318 -4.94 14.72 16.14
N GLY B 319 -3.91 15.51 15.83
CA GLY B 319 -3.70 16.85 16.42
C GLY B 319 -4.93 17.73 16.27
N ASP B 320 -5.34 17.92 15.03
CA ASP B 320 -6.40 18.84 14.75
C ASP B 320 -7.79 18.39 15.30
N GLY B 321 -8.19 17.18 14.93
CA GLY B 321 -9.40 16.53 15.44
C GLY B 321 -9.56 16.50 16.95
N MET B 322 -8.53 16.02 17.65
CA MET B 322 -8.67 15.80 19.09
C MET B 322 -8.45 17.05 19.91
N ASN B 323 -7.77 18.04 19.34
CA ASN B 323 -7.72 19.33 19.98
C ASN B 323 -9.10 19.98 19.96
N ARG B 324 -9.88 19.74 18.90
CA ARG B 324 -11.31 20.21 18.91
C ARG B 324 -12.16 19.48 19.93
N ILE B 325 -11.87 18.21 20.19
CA ILE B 325 -12.50 17.49 21.33
C ILE B 325 -12.12 18.16 22.66
N ILE B 326 -10.83 18.42 22.89
CA ILE B 326 -10.29 19.16 24.10
C ILE B 326 -11.03 20.50 24.37
N GLU B 327 -11.25 21.21 23.28
CA GLU B 327 -11.88 22.52 23.28
C GLU B 327 -13.39 22.47 23.36
N SER B 328 -13.98 21.30 23.25
CA SER B 328 -15.45 21.21 23.13
C SER B 328 -16.20 21.74 24.35
N LYS B 329 -17.30 22.48 24.14
CA LYS B 329 -18.24 22.82 25.22
C LYS B 329 -18.91 21.56 25.81
N PHE B 330 -18.90 20.45 25.06
CA PHE B 330 -19.34 19.17 25.63
C PHE B 330 -18.26 18.34 26.34
N TYR B 331 -16.99 18.79 26.32
CA TYR B 331 -15.88 17.92 26.82
C TYR B 331 -16.15 17.25 28.17
N ASP B 332 -16.58 18.02 29.15
CA ASP B 332 -16.72 17.46 30.49
C ASP B 332 -17.95 16.54 30.69
N LEU B 333 -18.72 16.33 29.61
CA LEU B 333 -19.79 15.31 29.57
C LEU B 333 -19.27 13.92 29.18
N THR B 334 -18.11 13.89 28.56
CA THR B 334 -17.64 12.69 27.90
C THR B 334 -16.83 11.88 28.89
N SER B 335 -16.64 10.62 28.58
CA SER B 335 -15.85 9.71 29.40
C SER B 335 -15.04 8.91 28.37
N LYS B 336 -14.09 8.12 28.87
CA LYS B 336 -13.13 7.37 28.03
C LYS B 336 -13.74 6.68 26.79
N ASP B 337 -14.87 6.01 26.98
CA ASP B 337 -15.57 5.29 25.91
C ASP B 337 -16.80 5.95 25.29
N SER B 338 -16.90 7.27 25.44
CA SER B 338 -17.99 8.02 24.79
C SER B 338 -17.82 7.92 23.27
N THR B 339 -18.96 7.75 22.58
CA THR B 339 -18.99 7.85 21.14
C THR B 339 -18.83 9.32 20.75
N ILE B 340 -17.67 9.64 20.19
CA ILE B 340 -17.41 11.00 19.66
C ILE B 340 -17.08 10.96 18.14
N ILE B 341 -17.82 11.74 17.34
CA ILE B 341 -17.60 11.82 15.88
C ILE B 341 -16.95 13.18 15.57
N VAL B 342 -15.74 13.14 15.03
CA VAL B 342 -14.99 14.34 14.73
C VAL B 342 -15.07 14.65 13.24
N ALA B 343 -15.56 15.84 12.93
CA ALA B 343 -15.57 16.37 11.58
C ALA B 343 -14.19 16.56 10.99
N ASN B 344 -13.83 15.66 10.07
CA ASN B 344 -12.48 15.67 9.47
C ASN B 344 -12.49 15.65 7.94
N LEU B 345 -13.50 16.28 7.34
CA LEU B 345 -13.67 16.19 5.88
C LEU B 345 -12.74 17.16 5.17
N SER B 346 -12.39 16.84 3.93
CA SER B 346 -11.69 17.78 3.07
C SER B 346 -12.64 18.95 2.70
N ASP B 347 -12.08 20.06 2.20
CA ASP B 347 -12.88 21.18 1.74
C ASP B 347 -14.01 20.78 0.75
N PRO B 348 -13.70 19.98 -0.29
CA PRO B 348 -14.75 19.57 -1.25
C PRO B 348 -15.84 18.68 -0.65
N ALA B 349 -15.45 17.71 0.15
CA ALA B 349 -16.44 16.78 0.75
C ALA B 349 -17.29 17.50 1.80
N ARG B 350 -16.71 18.50 2.48
CA ARG B 350 -17.41 19.24 3.56
C ARG B 350 -18.67 19.98 3.04
N ALA B 351 -18.54 20.53 1.82
CA ALA B 351 -19.62 21.24 1.12
C ALA B 351 -20.87 20.38 0.87
N ASN B 352 -20.70 19.07 0.69
CA ASN B 352 -21.88 18.23 0.42
C ASN B 352 -22.01 16.93 1.20
N THR B 353 -21.25 16.73 2.26
CA THR B 353 -21.30 15.46 3.00
C THR B 353 -21.74 15.74 4.45
N TRP B 354 -22.77 15.04 4.91
CA TRP B 354 -23.23 15.14 6.31
C TRP B 354 -22.37 14.34 7.26
N VAL B 355 -21.80 15.03 8.25
CA VAL B 355 -21.11 14.42 9.36
C VAL B 355 -22.12 13.73 10.31
N GLN B 356 -21.94 12.43 10.49
CA GLN B 356 -22.91 11.60 11.21
C GLN B 356 -22.25 10.33 11.68
N ASP B 357 -22.88 9.68 12.68
CA ASP B 357 -22.41 8.38 13.12
C ASP B 357 -22.90 7.28 12.19
N LEU B 358 -22.07 6.90 11.23
CA LEU B 358 -22.40 5.80 10.32
C LEU B 358 -22.19 4.43 11.00
N ASN B 359 -21.46 4.45 12.11
CA ASN B 359 -21.13 3.26 12.86
C ASN B 359 -20.43 2.23 11.93
N ARG B 360 -19.72 2.73 10.92
CA ARG B 360 -19.08 1.88 9.96
C ARG B 360 -17.89 1.19 10.64
N ASN B 361 -17.72 -0.12 10.37
CA ASN B 361 -16.49 -0.88 10.71
C ASN B 361 -16.09 -0.76 12.17
N ALA B 362 -17.10 -1.01 13.02
CA ALA B 362 -17.03 -0.84 14.46
C ALA B 362 -18.19 -1.59 15.14
N GLU B 363 -17.98 -1.94 16.40
CA GLU B 363 -19.06 -2.46 17.21
C GLU B 363 -20.14 -1.38 17.35
N THR B 364 -21.39 -1.79 17.54
CA THR B 364 -22.49 -0.89 17.80
C THR B 364 -22.16 0.09 18.90
N HIS B 365 -22.34 1.37 18.55
CA HIS B 365 -22.18 2.46 19.50
C HIS B 365 -23.34 2.46 20.51
N LYS B 366 -23.05 2.69 21.78
CA LYS B 366 -24.14 2.77 22.79
C LYS B 366 -24.07 4.14 23.44
N GLY B 367 -25.22 4.63 23.90
CA GLY B 367 -25.27 5.84 24.71
C GLY B 367 -25.36 7.06 23.85
N SER B 368 -25.26 8.24 24.44
CA SER B 368 -25.30 9.48 23.70
C SER B 368 -24.13 9.62 22.72
N THR B 369 -24.37 10.37 21.65
CA THR B 369 -23.32 10.67 20.66
C THR B 369 -22.93 12.17 20.67
N PHE B 370 -21.62 12.42 20.68
CA PHE B 370 -21.03 13.76 20.58
C PHE B 370 -20.48 13.92 19.15
N ILE B 371 -20.96 14.95 18.44
CA ILE B 371 -20.44 15.24 17.08
C ILE B 371 -19.83 16.64 17.12
N ILE B 372 -18.53 16.69 16.83
CA ILE B 372 -17.74 17.93 16.92
C ILE B 372 -17.40 18.43 15.52
N GLY B 373 -17.95 19.60 15.18
CA GLY B 373 -17.73 20.22 13.88
C GLY B 373 -16.33 20.84 13.73
N SER B 374 -16.12 21.55 12.63
CA SER B 374 -14.88 22.22 12.32
C SER B 374 -15.15 23.71 12.45
N ASP B 375 -14.12 24.51 12.28
CA ASP B 375 -14.23 25.95 12.26
C ASP B 375 -14.69 26.53 10.95
N SER B 376 -15.06 25.67 9.99
CA SER B 376 -15.71 26.06 8.72
C SER B 376 -17.21 25.69 8.71
N ASN B 377 -17.86 25.93 7.57
CA ASN B 377 -19.27 25.59 7.36
C ASN B 377 -19.45 24.08 7.26
N ASP B 378 -20.15 23.50 8.24
CA ASP B 378 -20.38 22.03 8.32
C ASP B 378 -21.83 21.62 8.08
N LEU B 379 -22.01 20.38 7.62
CA LEU B 379 -23.31 19.73 7.62
C LEU B 379 -23.20 18.65 8.67
N ILE B 380 -24.00 18.76 9.73
CA ILE B 380 -23.91 17.86 10.88
C ILE B 380 -25.27 17.17 11.06
N GLN B 381 -25.27 15.85 11.06
CA GLN B 381 -26.52 15.07 11.14
C GLN B 381 -26.49 14.23 12.43
N GLY B 382 -27.27 14.60 13.43
CA GLY B 382 -27.47 13.75 14.62
C GLY B 382 -28.43 12.60 14.35
N GLY B 383 -28.30 11.52 15.14
CA GLY B 383 -29.09 10.30 14.94
C GLY B 383 -30.40 10.34 15.70
N SER B 384 -31.08 9.22 15.71
CA SER B 384 -32.43 9.12 16.24
C SER B 384 -32.39 8.93 17.75
N GLY B 385 -31.23 8.61 18.30
CA GLY B 385 -31.01 8.59 19.76
C GLY B 385 -30.57 9.96 20.25
N ASN B 386 -29.83 10.02 21.36
CA ASN B 386 -29.50 11.31 21.98
C ASN B 386 -28.16 11.91 21.52
N ASP B 387 -28.18 13.19 21.12
CA ASP B 387 -27.01 13.78 20.45
C ASP B 387 -26.58 15.12 21.02
N TYR B 388 -25.27 15.31 21.04
CA TYR B 388 -24.63 16.58 21.36
C TYR B 388 -23.85 17.07 20.13
N LEU B 389 -24.38 18.08 19.46
CA LEU B 389 -23.87 18.58 18.19
C LEU B 389 -23.31 19.98 18.37
N GLU B 390 -22.06 20.12 17.99
CA GLU B 390 -21.32 21.35 18.19
C GLU B 390 -20.81 21.82 16.85
N GLY B 391 -21.31 22.95 16.36
CA GLY B 391 -20.94 23.41 15.01
C GLY B 391 -19.55 24.08 15.05
N ARG B 392 -19.16 24.68 16.17
CA ARG B 392 -18.00 25.62 16.19
C ARG B 392 -18.20 26.85 15.27
N ALA B 393 -17.12 27.49 14.81
CA ALA B 393 -17.23 28.64 13.93
C ALA B 393 -17.73 28.19 12.56
N GLY B 394 -18.10 29.16 11.70
CA GLY B 394 -18.60 28.84 10.38
C GLY B 394 -20.10 28.76 10.42
N ASN B 395 -20.73 28.87 9.24
CA ASN B 395 -22.17 28.79 9.07
C ASN B 395 -22.61 27.35 8.99
N ASP B 396 -23.02 26.78 10.14
CA ASP B 396 -23.32 25.35 10.19
C ASP B 396 -24.81 25.03 10.04
N THR B 397 -25.10 23.88 9.44
CA THR B 397 -26.47 23.36 9.26
C THR B 397 -26.55 22.02 9.97
N PHE B 398 -27.54 21.91 10.84
CA PHE B 398 -27.81 20.70 11.60
C PHE B 398 -29.10 20.02 11.17
N ARG B 399 -29.09 18.71 11.25
CA ARG B 399 -30.25 17.84 11.20
C ARG B 399 -30.10 16.85 12.32
N ASP B 400 -31.21 16.26 12.74
CA ASP B 400 -31.18 15.27 13.79
C ASP B 400 -32.40 14.40 13.70
N GLY B 401 -32.20 13.11 13.92
CA GLY B 401 -33.21 12.08 13.75
C GLY B 401 -34.24 11.86 14.84
N GLY B 402 -34.12 12.54 16.00
CA GLY B 402 -35.08 12.34 17.08
C GLY B 402 -34.34 12.26 18.43
N GLY B 403 -35.06 11.91 19.50
CA GLY B 403 -34.42 11.84 20.83
C GLY B 403 -34.24 13.17 21.55
N TYR B 404 -33.25 13.22 22.43
CA TYR B 404 -33.03 14.38 23.29
C TYR B 404 -31.65 14.92 23.00
N ASN B 405 -31.53 16.20 22.70
CA ASN B 405 -30.26 16.66 22.06
C ASN B 405 -29.87 18.01 22.57
N VAL B 406 -28.58 18.30 22.55
CA VAL B 406 -28.13 19.68 22.64
C VAL B 406 -27.41 20.04 21.33
N ILE B 407 -27.71 21.22 20.79
CA ILE B 407 -27.23 21.64 19.48
C ILE B 407 -26.68 23.03 19.67
N LEU B 408 -25.36 23.13 19.65
CA LEU B 408 -24.70 24.42 19.83
C LEU B 408 -24.25 24.93 18.47
N GLY B 409 -24.94 25.94 17.93
CA GLY B 409 -24.59 26.48 16.63
C GLY B 409 -23.17 27.04 16.60
N GLY B 410 -22.67 27.54 17.75
CA GLY B 410 -21.39 28.24 17.82
C GLY B 410 -21.47 29.61 17.15
N ALA B 411 -20.33 30.20 16.79
CA ALA B 411 -20.31 31.45 16.06
C ALA B 411 -20.85 31.19 14.64
N GLY B 412 -21.10 32.24 13.87
CA GLY B 412 -21.61 32.08 12.54
C GLY B 412 -23.12 32.18 12.47
N ASN B 413 -23.65 32.02 11.25
CA ASN B 413 -25.07 32.00 11.00
C ASN B 413 -25.48 30.53 10.85
N ASN B 414 -26.11 29.98 11.89
CA ASN B 414 -26.37 28.54 11.91
C ASN B 414 -27.86 28.19 11.69
N THR B 415 -28.13 26.98 11.21
CA THR B 415 -29.47 26.61 10.80
C THR B 415 -29.80 25.23 11.30
N LEU B 416 -31.01 25.08 11.81
CA LEU B 416 -31.48 23.76 12.16
C LEU B 416 -32.53 23.36 11.15
N ASP B 417 -32.26 22.28 10.40
CA ASP B 417 -33.19 21.85 9.34
C ASP B 417 -34.02 20.68 9.88
N LEU B 418 -35.30 20.94 10.13
CA LEU B 418 -36.14 19.95 10.78
C LEU B 418 -36.73 18.93 9.81
N GLN B 419 -36.67 19.21 8.50
CA GLN B 419 -37.02 18.25 7.42
C GLN B 419 -38.48 17.79 7.41
N LYS B 420 -39.32 18.45 8.17
CA LYS B 420 -40.76 18.22 8.12
C LYS B 420 -41.51 19.45 8.59
N SER B 421 -42.84 19.34 8.74
CA SER B 421 -43.68 20.50 9.01
C SER B 421 -43.47 21.11 10.37
N VAL B 422 -43.46 22.44 10.38
CA VAL B 422 -43.37 23.23 11.60
C VAL B 422 -44.51 22.87 12.56
N ASN B 423 -45.65 22.41 12.02
CA ASN B 423 -46.83 22.02 12.82
C ASN B 423 -46.67 20.78 13.70
N THR B 424 -45.68 19.97 13.37
CA THR B 424 -45.38 18.77 14.10
C THR B 424 -44.39 19.02 15.28
N PHE B 425 -44.07 20.30 15.58
CA PHE B 425 -43.11 20.64 16.62
C PHE B 425 -43.72 21.68 17.50
N ASP B 426 -43.29 21.70 18.76
CA ASP B 426 -43.45 22.83 19.65
C ASP B 426 -42.09 23.52 19.90
N PHE B 427 -42.15 24.83 20.16
CA PHE B 427 -40.98 25.69 20.32
C PHE B 427 -41.15 26.50 21.62
N ALA B 428 -40.09 26.59 22.41
CA ALA B 428 -40.11 27.40 23.62
C ALA B 428 -38.78 28.12 23.70
N ASN B 429 -38.75 29.19 24.47
CA ASN B 429 -37.61 30.08 24.49
C ASN B 429 -37.58 30.76 25.86
N ASP B 430 -36.50 30.54 26.60
CA ASP B 430 -36.39 31.06 27.93
C ASP B 430 -35.88 32.51 27.99
N GLY B 431 -35.64 33.13 26.82
CA GLY B 431 -35.01 34.48 26.78
C GLY B 431 -33.56 34.57 27.29
N ALA B 432 -32.95 33.44 27.63
CA ALA B 432 -31.54 33.37 28.07
C ALA B 432 -30.65 32.73 26.99
N GLY B 433 -31.11 32.75 25.74
CA GLY B 433 -30.35 32.13 24.67
C GLY B 433 -30.70 30.71 24.29
N ASN B 434 -31.57 30.05 25.06
CA ASN B 434 -32.03 28.68 24.76
C ASN B 434 -33.37 28.59 24.02
N LEU B 435 -33.33 28.02 22.82
CA LEU B 435 -34.55 27.73 22.04
C LEU B 435 -34.74 26.25 22.16
N TYR B 436 -35.88 25.83 22.73
CA TYR B 436 -36.22 24.44 22.93
C TYR B 436 -37.10 24.01 21.80
N VAL B 437 -36.79 22.83 21.26
CA VAL B 437 -37.52 22.30 20.13
C VAL B 437 -38.00 20.93 20.53
N ARG B 438 -39.32 20.79 20.57
CA ARG B 438 -39.92 19.50 20.93
C ARG B 438 -40.65 18.86 19.76
N ASP B 439 -40.22 17.65 19.43
CA ASP B 439 -40.83 16.90 18.34
C ASP B 439 -42.18 16.23 18.73
N ALA B 440 -42.82 15.59 17.75
CA ALA B 440 -44.15 14.99 17.95
C ALA B 440 -44.12 13.77 18.93
N ASN B 441 -42.94 13.17 19.12
CA ASN B 441 -42.77 12.11 20.14
C ASN B 441 -42.33 12.58 21.51
N GLY B 442 -42.28 13.88 21.74
CA GLY B 442 -41.80 14.41 22.99
C GLY B 442 -40.28 14.59 23.10
N GLY B 443 -39.54 14.22 22.06
CA GLY B 443 -38.09 14.48 22.03
C GLY B 443 -37.76 15.96 22.16
N ILE B 444 -36.86 16.32 23.05
CA ILE B 444 -36.49 17.74 23.18
C ILE B 444 -35.03 18.02 22.74
N SER B 445 -34.84 19.02 21.89
CA SER B 445 -33.54 19.62 21.63
C SER B 445 -33.41 21.02 22.27
N ILE B 446 -32.32 21.22 23.01
CA ILE B 446 -31.92 22.53 23.54
C ILE B 446 -30.90 23.07 22.57
N THR B 447 -31.25 24.22 22.01
CA THR B 447 -30.41 24.79 20.98
C THR B 447 -29.89 26.16 21.42
N ARG B 448 -28.65 26.47 21.05
CA ARG B 448 -28.09 27.77 21.23
C ARG B 448 -27.49 28.31 19.90
N ASP B 449 -27.60 29.62 19.69
CA ASP B 449 -26.91 30.25 18.57
C ASP B 449 -27.40 29.70 17.20
N ILE B 450 -28.62 29.20 17.17
CA ILE B 450 -29.23 28.87 15.90
C ILE B 450 -30.34 29.90 15.56
N GLY B 451 -30.03 30.79 14.62
CA GLY B 451 -30.93 31.89 14.25
C GLY B 451 -31.93 31.53 13.16
N SER B 452 -31.77 30.34 12.50
CA SER B 452 -32.72 29.89 11.46
C SER B 452 -33.20 28.46 11.61
N ILE B 453 -34.50 28.27 11.42
CA ILE B 453 -35.11 26.97 11.45
C ILE B 453 -35.68 26.73 10.06
N VAL B 454 -35.36 25.57 9.49
CA VAL B 454 -35.90 25.18 8.18
C VAL B 454 -36.92 24.07 8.38
N THR B 455 -38.11 24.31 7.84
CA THR B 455 -39.12 23.25 7.78
C THR B 455 -39.52 22.88 6.34
N LYS B 456 -40.22 21.76 6.25
CA LYS B 456 -40.67 21.23 4.99
C LYS B 456 -42.19 21.14 5.08
N GLU B 457 -42.87 21.97 4.27
CA GLU B 457 -44.32 22.19 4.33
C GLU B 457 -44.98 21.63 3.09
N PRO B 458 -46.22 21.13 3.21
CA PRO B 458 -47.03 20.79 2.04
C PRO B 458 -47.16 22.04 1.16
N GLY B 459 -46.81 21.92 -0.11
CA GLY B 459 -46.88 23.03 -1.05
C GLY B 459 -47.81 22.70 -2.20
N PHE B 460 -47.38 22.98 -3.42
CA PHE B 460 -48.26 22.98 -4.60
C PHE B 460 -48.91 21.64 -4.91
N LEU B 461 -50.10 21.77 -5.50
CA LEU B 461 -51.01 20.66 -5.80
C LEU B 461 -51.36 19.91 -4.54
N TRP B 462 -51.85 20.66 -3.55
CA TRP B 462 -52.39 20.08 -2.33
C TRP B 462 -51.38 19.14 -1.65
N GLY B 463 -50.11 19.50 -1.66
CA GLY B 463 -49.09 18.77 -0.93
C GLY B 463 -48.38 17.67 -1.71
N LEU B 464 -48.70 17.51 -3.00
CA LEU B 464 -47.82 16.71 -3.88
C LEU B 464 -46.43 17.29 -3.84
N PHE B 465 -46.30 18.60 -4.03
CA PHE B 465 -44.97 19.22 -3.93
C PHE B 465 -44.78 19.82 -2.49
N LYS B 466 -43.51 20.01 -2.09
CA LYS B 466 -43.15 20.46 -0.75
C LYS B 466 -42.34 21.74 -0.83
N ASP B 467 -42.63 22.67 0.07
CA ASP B 467 -41.86 23.89 0.19
C ASP B 467 -40.87 23.86 1.38
N ASP B 468 -39.65 24.34 1.13
CA ASP B 468 -38.71 24.52 2.21
C ASP B 468 -38.80 25.94 2.69
N VAL B 469 -39.05 26.07 3.98
CA VAL B 469 -39.40 27.33 4.59
C VAL B 469 -38.34 27.63 5.66
N THR B 470 -37.70 28.80 5.54
CA THR B 470 -36.75 29.29 6.54
C THR B 470 -37.40 30.31 7.46
N HIS B 471 -37.47 29.91 8.74
CA HIS B 471 -38.01 30.75 9.78
C HIS B 471 -36.80 31.41 10.54
N SER B 472 -36.95 32.66 10.91
CA SER B 472 -36.00 33.34 11.76
C SER B 472 -36.47 33.22 13.19
N VAL B 473 -35.54 32.88 14.08
CA VAL B 473 -35.78 32.77 15.52
C VAL B 473 -35.77 34.17 16.08
N THR B 474 -36.92 34.56 16.63
CA THR B 474 -37.07 35.92 17.16
C THR B 474 -37.59 35.84 18.59
N ALA B 475 -37.68 36.98 19.27
CA ALA B 475 -38.29 37.06 20.60
C ALA B 475 -39.77 36.64 20.62
N SER B 476 -40.52 36.93 19.56
CA SER B 476 -41.94 36.62 19.59
C SER B 476 -42.30 35.29 18.96
N GLY B 477 -41.30 34.57 18.43
CA GLY B 477 -41.57 33.28 17.79
C GLY B 477 -40.67 33.06 16.59
N LEU B 478 -41.01 32.08 15.78
CA LEU B 478 -40.30 31.85 14.55
C LEU B 478 -41.04 32.60 13.48
N LYS B 479 -40.31 33.37 12.67
CA LYS B 479 -40.90 34.29 11.73
C LYS B 479 -40.46 34.00 10.28
N VAL B 480 -41.43 33.90 9.38
CA VAL B 480 -41.15 33.89 7.93
C VAL B 480 -42.07 34.93 7.31
N GLY B 481 -41.52 36.06 6.94
CA GLY B 481 -42.36 37.15 6.46
C GLY B 481 -43.34 37.59 7.52
N SER B 482 -44.63 37.56 7.19
CA SER B 482 -45.67 37.93 8.11
C SER B 482 -46.08 36.78 9.03
N ASN B 483 -45.63 35.57 8.75
CA ASN B 483 -46.10 34.46 9.53
C ASN B 483 -45.29 34.16 10.80
N VAL B 484 -45.97 34.17 11.93
CA VAL B 484 -45.33 33.94 13.19
C VAL B 484 -45.79 32.60 13.79
N THR B 485 -44.82 31.72 14.04
CA THR B 485 -45.05 30.51 14.81
C THR B 485 -44.74 30.91 16.26
N GLN B 486 -45.78 30.95 17.05
CA GLN B 486 -45.76 31.24 18.47
C GLN B 486 -44.95 30.28 19.33
N TYR B 487 -44.26 30.80 20.34
CA TYR B 487 -43.69 29.90 21.35
C TYR B 487 -44.80 29.32 22.22
N ASP B 488 -44.54 28.16 22.80
CA ASP B 488 -45.49 27.59 23.77
C ASP B 488 -45.60 28.56 24.98
N ALA B 489 -46.76 28.62 25.65
CA ALA B 489 -47.02 29.58 26.76
C ALA B 489 -45.92 29.49 27.82
N SER B 490 -45.45 30.61 28.31
CA SER B 490 -44.31 30.64 29.25
C SER B 490 -44.50 31.56 30.44
N VAL B 491 -43.92 31.18 31.58
CA VAL B 491 -43.53 32.16 32.60
C VAL B 491 -42.01 32.12 32.76
N LYS B 492 -41.39 33.28 32.60
CA LYS B 492 -39.96 33.48 32.78
C LYS B 492 -39.63 34.19 34.09
N GLY B 493 -38.70 33.60 34.85
CA GLY B 493 -38.13 34.25 36.03
C GLY B 493 -37.04 35.25 35.68
N THR B 494 -36.11 35.40 36.60
CA THR B 494 -35.00 36.35 36.55
C THR B 494 -33.80 35.58 37.12
N ASN B 495 -32.61 36.14 37.06
CA ASN B 495 -31.46 35.45 37.66
C ASN B 495 -31.38 35.49 39.21
N GLY B 496 -32.42 36.04 39.85
CA GLY B 496 -32.51 36.06 41.31
C GLY B 496 -33.56 35.05 41.69
N ALA B 497 -33.90 34.95 42.97
CA ALA B 497 -34.90 33.99 43.44
C ALA B 497 -36.32 34.43 43.03
N ASP B 498 -37.07 33.49 42.44
CA ASP B 498 -38.38 33.75 41.88
C ASP B 498 -39.41 32.74 42.34
N THR B 499 -40.65 33.20 42.39
CA THR B 499 -41.83 32.31 42.43
C THR B 499 -42.60 32.49 41.11
N LEU B 500 -42.84 31.38 40.42
CA LEU B 500 -43.48 31.37 39.13
C LEU B 500 -44.64 30.39 39.12
N LYS B 501 -45.81 30.85 38.72
CA LYS B 501 -47.04 30.04 38.77
C LYS B 501 -47.53 29.73 37.35
N ALA B 502 -47.80 28.46 37.06
CA ALA B 502 -48.38 28.11 35.78
C ALA B 502 -49.89 28.39 35.75
N HIS B 503 -50.38 28.81 34.59
CA HIS B 503 -51.81 28.90 34.30
C HIS B 503 -52.31 27.48 34.07
N ALA B 504 -53.62 27.28 34.15
CA ALA B 504 -54.21 25.94 34.12
C ALA B 504 -54.06 25.19 32.79
N GLY B 505 -53.76 25.89 31.71
CA GLY B 505 -53.56 25.25 30.40
C GLY B 505 -52.21 24.57 30.21
N GLY B 506 -51.26 24.86 31.11
CA GLY B 506 -49.87 24.31 31.03
C GLY B 506 -48.93 25.41 30.60
N ASP B 507 -47.79 25.54 31.28
CA ASP B 507 -46.73 26.47 30.89
C ASP B 507 -45.34 25.84 30.97
N TRP B 508 -44.42 26.43 30.22
CA TRP B 508 -43.00 26.18 30.37
C TRP B 508 -42.62 27.18 31.43
N LEU B 509 -42.06 26.68 32.53
CA LEU B 509 -41.68 27.54 33.64
C LEU B 509 -40.15 27.66 33.71
N PHE B 510 -39.63 28.84 33.39
CA PHE B 510 -38.17 29.10 33.37
C PHE B 510 -37.66 29.88 34.58
N GLY B 511 -37.12 29.13 35.53
CA GLY B 511 -36.59 29.68 36.79
C GLY B 511 -35.35 30.55 36.54
N LEU B 512 -34.47 30.13 35.65
CA LEU B 512 -33.14 30.73 35.47
C LEU B 512 -32.30 30.63 36.77
N ASP B 513 -31.28 31.47 36.95
CA ASP B 513 -30.39 31.30 38.11
C ASP B 513 -31.15 31.60 39.39
N GLY B 514 -30.58 31.24 40.53
CA GLY B 514 -31.21 31.53 41.83
C GLY B 514 -32.09 30.37 42.25
N ASN B 515 -32.51 30.36 43.51
CA ASN B 515 -33.31 29.29 44.04
C ASN B 515 -34.77 29.64 43.86
N ASP B 516 -35.42 28.97 42.91
CA ASP B 516 -36.74 29.36 42.48
C ASP B 516 -37.77 28.42 43.03
N HIS B 517 -39.00 28.95 43.16
CA HIS B 517 -40.20 28.18 43.45
C HIS B 517 -41.11 28.15 42.20
N LEU B 518 -41.21 26.99 41.58
CA LEU B 518 -42.03 26.83 40.39
C LEU B 518 -43.28 26.04 40.73
N ILE B 519 -44.41 26.71 40.64
CA ILE B 519 -45.69 26.10 41.00
C ILE B 519 -46.45 25.69 39.73
N GLY B 520 -46.57 24.38 39.51
CA GLY B 520 -47.29 23.87 38.34
C GLY B 520 -48.77 24.02 38.56
N GLY B 521 -49.56 23.86 37.48
CA GLY B 521 -51.01 23.83 37.56
C GLY B 521 -51.52 22.45 37.17
N VAL B 522 -52.82 22.34 36.94
CA VAL B 522 -53.43 21.07 36.50
C VAL B 522 -53.03 20.67 35.07
N GLY B 523 -52.53 21.65 34.31
CA GLY B 523 -52.08 21.41 32.94
C GLY B 523 -50.75 20.68 32.85
N ASN B 524 -50.37 20.40 31.63
CA ASN B 524 -49.11 19.75 31.33
C ASN B 524 -48.02 20.79 31.25
N ASP B 525 -47.20 20.84 32.30
CA ASP B 525 -46.18 21.89 32.44
C ASP B 525 -44.84 21.30 32.04
N VAL B 526 -43.90 22.17 31.66
CA VAL B 526 -42.50 21.80 31.43
C VAL B 526 -41.71 22.68 32.40
N PHE B 527 -41.02 22.06 33.37
CA PHE B 527 -40.29 22.78 34.41
C PHE B 527 -38.80 22.85 34.07
N VAL B 528 -38.24 24.04 34.11
CA VAL B 528 -36.81 24.20 33.89
C VAL B 528 -36.32 25.09 35.03
N GLY B 529 -36.04 24.45 36.17
CA GLY B 529 -35.51 25.14 37.33
C GLY B 529 -34.31 26.02 37.05
N GLY B 530 -33.44 25.58 36.14
CA GLY B 530 -32.23 26.33 35.85
C GLY B 530 -31.17 26.06 36.89
N ALA B 531 -30.10 26.85 36.85
CA ALA B 531 -29.09 26.84 37.92
C ALA B 531 -29.73 27.21 39.26
N GLY B 532 -29.07 26.82 40.37
CA GLY B 532 -29.57 27.06 41.70
C GLY B 532 -30.46 25.91 42.13
N ASN B 533 -30.93 26.01 43.36
CA ASN B 533 -31.71 24.94 44.00
C ASN B 533 -33.15 25.34 43.93
N ASP B 534 -33.93 24.57 43.17
CA ASP B 534 -35.30 24.93 42.80
C ASP B 534 -36.31 23.95 43.38
N LEU B 535 -37.41 24.51 43.84
CA LEU B 535 -38.55 23.73 44.29
C LEU B 535 -39.64 23.83 43.24
N MET B 536 -40.07 22.66 42.77
CA MET B 536 -40.95 22.52 41.62
C MET B 536 -42.13 21.55 41.92
N GLU B 537 -43.34 22.09 42.02
CA GLU B 537 -44.50 21.25 42.27
C GLU B 537 -45.32 21.05 41.03
N SER B 538 -45.62 19.79 40.73
CA SER B 538 -46.41 19.37 39.56
C SER B 538 -47.78 20.04 39.39
N GLY B 539 -48.68 19.82 40.36
CA GLY B 539 -50.01 20.41 40.32
C GLY B 539 -51.01 19.54 39.58
N GLY B 540 -50.55 18.41 39.06
CA GLY B 540 -51.37 17.51 38.26
C GLY B 540 -50.97 17.60 36.80
N GLY B 541 -51.66 16.88 35.94
CA GLY B 541 -51.35 16.89 34.51
C GLY B 541 -50.16 15.98 34.21
N ALA B 542 -49.77 15.87 32.95
CA ALA B 542 -48.57 15.07 32.57
C ALA B 542 -47.43 16.05 32.38
N ASP B 543 -46.55 16.12 33.39
CA ASP B 543 -45.51 17.15 33.47
C ASP B 543 -44.14 16.66 33.07
N THR B 544 -43.32 17.62 32.63
CA THR B 544 -41.94 17.39 32.24
C THR B 544 -41.04 18.28 33.07
N PHE B 545 -40.00 17.69 33.69
CA PHE B 545 -38.95 18.42 34.38
C PHE B 545 -37.60 18.24 33.66
N LEU B 546 -37.03 19.34 33.20
CA LEU B 546 -35.83 19.32 32.39
C LEU B 546 -34.65 19.72 33.26
N PHE B 547 -33.59 18.92 33.19
CA PHE B 547 -32.33 19.22 33.90
C PHE B 547 -31.10 19.20 32.94
N ASN B 548 -30.38 20.31 32.90
CA ASN B 548 -29.27 20.53 31.98
C ASN B 548 -28.17 21.25 32.73
N GLY B 549 -26.90 20.98 32.39
CA GLY B 549 -25.79 21.65 33.01
C GLY B 549 -25.65 21.43 34.51
N ALA B 550 -25.06 22.39 35.22
CA ALA B 550 -24.94 22.34 36.71
C ALA B 550 -26.28 22.79 37.28
N PHE B 551 -27.25 21.90 37.24
CA PHE B 551 -28.63 22.25 37.61
C PHE B 551 -28.93 22.38 39.15
N GLY B 552 -27.94 22.16 40.01
CA GLY B 552 -28.16 22.36 41.47
C GLY B 552 -28.80 21.21 42.22
N GLN B 553 -29.26 21.48 43.44
CA GLN B 553 -30.00 20.48 44.26
C GLN B 553 -31.48 20.83 44.25
N ASP B 554 -32.30 20.05 43.54
CA ASP B 554 -33.69 20.45 43.31
C ASP B 554 -34.63 19.48 44.01
N ARG B 555 -35.82 20.00 44.32
CA ARG B 555 -36.91 19.23 44.90
C ARG B 555 -38.12 19.24 43.97
N VAL B 556 -38.62 18.04 43.71
CA VAL B 556 -39.82 17.80 42.89
C VAL B 556 -40.95 17.15 43.75
N VAL B 557 -42.04 17.91 43.88
CA VAL B 557 -43.25 17.49 44.59
C VAL B 557 -44.39 17.14 43.61
N GLY B 558 -45.06 16.02 43.87
CA GLY B 558 -46.25 15.61 43.14
C GLY B 558 -45.95 14.84 41.87
N PHE B 559 -44.75 14.28 41.81
CA PHE B 559 -44.30 13.51 40.66
C PHE B 559 -45.10 12.23 40.62
N THR B 560 -45.76 11.98 39.51
CA THR B 560 -46.52 10.76 39.42
C THR B 560 -46.08 9.94 38.21
N SER B 561 -46.79 8.83 38.03
CA SER B 561 -46.62 7.85 36.98
C SER B 561 -46.55 8.41 35.55
N ASN B 562 -47.23 9.51 35.32
CA ASN B 562 -47.34 10.02 33.96
C ASN B 562 -46.49 11.26 33.73
N ASP B 563 -45.63 11.55 34.70
CA ASP B 563 -44.64 12.61 34.60
C ASP B 563 -43.29 12.12 34.09
N LYS B 564 -42.38 13.03 33.81
CA LYS B 564 -41.13 12.62 33.22
C LYS B 564 -40.02 13.57 33.62
N LEU B 565 -38.87 12.97 33.94
CA LEU B 565 -37.64 13.71 34.12
C LEU B 565 -36.82 13.48 32.86
N VAL B 566 -36.10 14.53 32.47
CA VAL B 566 -35.17 14.52 31.37
C VAL B 566 -33.89 15.21 31.84
N PHE B 567 -32.84 14.39 31.89
CA PHE B 567 -31.46 14.75 32.16
C PHE B 567 -30.69 14.79 30.81
N LEU B 568 -30.21 15.97 30.48
CA LEU B 568 -29.63 16.24 29.18
C LEU B 568 -28.46 17.18 29.41
N GLY B 569 -27.26 16.77 29.03
CA GLY B 569 -26.07 17.62 29.19
C GLY B 569 -25.75 17.79 30.70
N VAL B 570 -25.83 16.68 31.40
CA VAL B 570 -25.56 16.64 32.85
C VAL B 570 -24.32 15.78 33.11
N GLN B 571 -23.69 16.06 34.25
CA GLN B 571 -22.50 15.34 34.71
C GLN B 571 -22.64 13.84 34.99
N GLY B 572 -21.58 13.09 34.67
CA GLY B 572 -21.45 11.71 35.14
C GLY B 572 -22.31 10.67 34.47
N VAL B 573 -22.70 10.91 33.23
CA VAL B 573 -23.52 9.96 32.50
C VAL B 573 -22.63 9.08 31.63
N LEU B 574 -22.28 7.90 32.15
CA LEU B 574 -21.44 6.97 31.42
C LEU B 574 -22.25 6.37 30.28
N PRO B 575 -21.57 5.96 29.19
CA PRO B 575 -22.32 5.50 28.02
C PRO B 575 -23.40 4.50 28.37
N ASN B 576 -24.64 4.87 28.09
CA ASN B 576 -25.81 4.03 28.31
C ASN B 576 -26.33 3.81 29.77
N ASP B 577 -25.80 4.57 30.74
CA ASP B 577 -26.41 4.71 32.05
C ASP B 577 -27.94 4.79 31.94
N ASP B 578 -28.63 4.11 32.86
CA ASP B 578 -30.05 4.39 33.10
C ASP B 578 -30.21 5.00 34.51
N PHE B 579 -31.44 5.28 34.93
CA PHE B 579 -31.64 6.00 36.17
C PHE B 579 -31.09 5.24 37.36
N ARG B 580 -31.05 3.92 37.22
CA ARG B 580 -30.68 3.01 38.33
C ARG B 580 -29.24 3.21 38.77
N ALA B 581 -28.39 3.64 37.84
CA ALA B 581 -27.00 3.91 38.16
C ALA B 581 -26.84 5.25 38.88
N HIS B 582 -27.95 5.97 39.09
CA HIS B 582 -27.92 7.33 39.61
C HIS B 582 -28.90 7.58 40.77
N ALA B 583 -29.69 6.56 41.08
CA ALA B 583 -30.83 6.68 42.00
C ALA B 583 -30.66 5.87 43.27
N SER B 584 -31.13 6.45 44.37
CA SER B 584 -31.20 5.77 45.65
C SER B 584 -32.42 6.30 46.42
N MET B 585 -32.75 5.65 47.54
CA MET B 585 -33.73 6.18 48.48
C MET B 585 -33.00 6.96 49.56
N VAL B 586 -33.48 8.15 49.89
CA VAL B 586 -33.02 8.86 51.10
C VAL B 586 -34.28 9.15 51.91
N GLY B 587 -34.47 8.35 52.98
CA GLY B 587 -35.68 8.39 53.78
C GLY B 587 -36.87 7.97 52.93
N GLN B 588 -37.78 8.91 52.71
CA GLN B 588 -39.04 8.66 51.98
C GLN B 588 -38.93 8.98 50.49
N ASP B 589 -37.83 9.64 50.14
CA ASP B 589 -37.64 10.24 48.83
C ASP B 589 -36.67 9.47 47.92
N THR B 590 -36.96 9.42 46.62
CA THR B 590 -35.95 8.98 45.64
C THR B 590 -35.02 10.15 45.30
N VAL B 591 -33.70 9.95 45.46
CA VAL B 591 -32.74 10.96 45.04
C VAL B 591 -31.97 10.52 43.78
N LEU B 592 -31.88 11.42 42.79
CA LEU B 592 -31.03 11.21 41.62
C LEU B 592 -29.84 12.15 41.60
N LYS B 593 -28.66 11.55 41.46
CA LYS B 593 -27.41 12.30 41.55
C LYS B 593 -26.59 12.25 40.23
N PHE B 594 -26.12 13.44 39.81
CA PHE B 594 -25.33 13.68 38.60
C PHE B 594 -24.18 14.64 38.89
N GLY B 595 -22.95 14.11 39.07
CA GLY B 595 -21.85 14.92 39.59
C GLY B 595 -22.28 15.47 40.96
N GLY B 596 -22.10 16.77 41.18
CA GLY B 596 -22.58 17.44 42.40
C GLY B 596 -24.04 17.87 42.39
N ASP B 597 -24.79 17.56 41.33
CA ASP B 597 -26.16 18.02 41.18
C ASP B 597 -27.08 16.87 41.53
N SER B 598 -28.28 17.20 41.99
CA SER B 598 -29.27 16.21 42.44
C SER B 598 -30.71 16.68 42.25
N VAL B 599 -31.59 15.71 42.09
CA VAL B 599 -33.01 15.91 42.10
C VAL B 599 -33.59 14.99 43.15
N THR B 600 -34.36 15.56 44.08
CA THR B 600 -35.15 14.75 45.05
C THR B 600 -36.63 14.63 44.67
N LEU B 601 -37.08 13.41 44.41
CA LEU B 601 -38.47 13.15 44.08
C LEU B 601 -39.20 12.86 45.40
N VAL B 602 -39.61 13.96 46.04
CA VAL B 602 -40.26 13.95 47.36
C VAL B 602 -41.39 12.93 47.39
N GLY B 603 -41.26 11.98 48.30
CA GLY B 603 -42.30 10.99 48.53
C GLY B 603 -42.32 9.77 47.65
N VAL B 604 -41.58 9.77 46.55
CA VAL B 604 -41.70 8.71 45.50
C VAL B 604 -40.77 7.52 45.80
N ALA B 605 -41.31 6.29 45.79
CA ALA B 605 -40.47 5.12 45.98
C ALA B 605 -39.75 4.70 44.70
N LEU B 606 -38.45 4.43 44.83
CA LEU B 606 -37.59 4.04 43.69
C LEU B 606 -38.17 2.88 42.84
N ASN B 607 -38.88 1.96 43.52
CA ASN B 607 -39.54 0.80 42.91
C ASN B 607 -40.68 1.18 41.98
N SER B 608 -41.24 2.37 42.18
CA SER B 608 -42.38 2.83 41.38
C SER B 608 -41.92 3.49 40.08
N LEU B 609 -40.60 3.60 39.90
CA LEU B 609 -40.00 4.36 38.80
C LEU B 609 -39.80 3.53 37.56
N SER B 610 -39.76 4.23 36.43
CA SER B 610 -39.86 3.63 35.12
C SER B 610 -38.81 4.29 34.23
N ALA B 611 -38.00 3.50 33.54
CA ALA B 611 -37.05 4.10 32.60
C ALA B 611 -37.79 4.96 31.56
N ASP B 612 -39.05 4.61 31.30
CA ASP B 612 -40.02 5.43 30.55
C ASP B 612 -40.14 6.88 31.02
N GLY B 613 -40.04 7.11 32.32
CA GLY B 613 -40.31 8.43 32.86
C GLY B 613 -39.07 9.16 33.30
N ILE B 614 -37.90 8.55 33.11
CA ILE B 614 -36.63 9.15 33.51
C ILE B 614 -35.64 9.03 32.35
N VAL B 615 -35.53 10.12 31.59
CA VAL B 615 -34.69 10.13 30.42
C VAL B 615 -33.30 10.59 30.84
N ILE B 616 -32.32 9.72 30.60
CA ILE B 616 -30.92 10.02 30.88
C ILE B 616 -30.15 10.00 29.56
N ALA B 617 -29.56 11.14 29.23
CA ALA B 617 -28.78 11.35 28.01
C ALA B 617 -27.45 12.03 28.37
#